data_7F36
#
_entry.id   7F36
#
_cell.length_a   52.743
_cell.length_b   121.873
_cell.length_c   127.257
_cell.angle_alpha   90.000
_cell.angle_beta   91.070
_cell.angle_gamma   90.000
#
_symmetry.space_group_name_H-M   'P 1 21 1'
#
loop_
_entity.id
_entity.type
_entity.pdbx_description
1 polymer 'N-acetyltransferase domain-containing protein'
2 polymer 'RNA (76-MER)'
3 non-polymer 'CALCIUM ION'
4 non-polymer 'ACETYLAMINO-ACETIC ACID'
#
loop_
_entity_poly.entity_id
_entity_poly.type
_entity_poly.pdbx_seq_one_letter_code
_entity_poly.pdbx_strand_id
1 'polypeptide(L)'
;MGRVTAPEPLSAFHQVAEFVSGEAVLDDWLKQKGLKNQALGAARTFVVCKKDTKQVAGFYSLATGSVNHTEATGNLRRNM
PDPIPVIILARLAVDLSFHGKGLGADLLHDAVLRCYRVAENIGVRAIMVHALTEEAKNFFIHHGFKSSQTQQRTLFLRLP
QLEHHHHHH
;
A,B,D,C
2 'polyribonucleotide' GCGGGAAUAGCUCAGUUGGUAGAGCACGACCUUGCCAAGGUCGGGGUCGCGAGUUCGAGUCUCGUUUCCCGCUCCA F,G,H,E
#
loop_
_chem_comp.id
_chem_comp.type
_chem_comp.name
_chem_comp.formula
A RNA linking ADENOSINE-5'-MONOPHOSPHATE 'C10 H14 N5 O7 P'
AAC non-polymer 'ACETYLAMINO-ACETIC ACID' 'C4 H7 N O3'
C RNA linking CYTIDINE-5'-MONOPHOSPHATE 'C9 H14 N3 O8 P'
CA non-polymer 'CALCIUM ION' 'Ca 2'
G RNA linking GUANOSINE-5'-MONOPHOSPHATE 'C10 H14 N5 O8 P'
U RNA linking URIDINE-5'-MONOPHOSPHATE 'C9 H13 N2 O9 P'
#
# COMPACT_ATOMS: atom_id res chain seq x y z
N GLY A 2 29.54 -11.03 33.25
CA GLY A 2 30.96 -11.09 32.93
C GLY A 2 31.27 -10.81 31.47
N ARG A 3 31.75 -9.60 31.20
CA ARG A 3 32.08 -9.21 29.83
C ARG A 3 33.47 -9.70 29.44
N VAL A 4 34.00 -9.13 28.36
CA VAL A 4 35.25 -9.57 27.76
C VAL A 4 36.07 -8.32 27.40
N THR A 5 37.30 -8.55 26.92
CA THR A 5 38.23 -7.47 26.58
C THR A 5 37.86 -6.81 25.25
N ALA A 6 38.59 -5.76 24.86
CA ALA A 6 38.31 -5.18 23.56
C ALA A 6 39.10 -5.92 22.48
N PRO A 7 38.60 -5.89 21.23
CA PRO A 7 39.18 -6.74 20.20
C PRO A 7 40.65 -6.43 19.98
N GLU A 8 41.40 -7.47 19.64
CA GLU A 8 42.84 -7.43 19.51
C GLU A 8 43.21 -8.41 18.43
N PRO A 9 44.31 -8.19 17.72
CA PRO A 9 44.66 -9.10 16.62
C PRO A 9 44.98 -10.48 17.15
N LEU A 10 44.55 -11.50 16.40
CA LEU A 10 44.90 -12.87 16.77
C LEU A 10 46.42 -13.00 16.78
N SER A 11 46.92 -13.80 17.71
CA SER A 11 48.35 -14.03 17.83
C SER A 11 48.59 -15.46 18.25
N ALA A 12 49.87 -15.84 18.28
CA ALA A 12 50.25 -17.18 18.66
C ALA A 12 49.97 -17.47 20.13
N PHE A 13 49.55 -16.48 20.90
CA PHE A 13 49.33 -16.64 22.33
C PHE A 13 47.90 -16.99 22.70
N HIS A 14 46.95 -16.82 21.79
CA HIS A 14 45.55 -17.06 22.12
C HIS A 14 45.23 -18.54 22.08
N GLN A 15 44.50 -19.00 23.09
CA GLN A 15 44.04 -20.38 23.14
C GLN A 15 42.72 -20.48 22.39
N VAL A 16 42.75 -21.08 21.20
CA VAL A 16 41.54 -21.28 20.41
C VAL A 16 41.08 -22.73 20.40
N ALA A 17 41.79 -23.64 21.08
CA ALA A 17 41.49 -25.06 20.99
C ALA A 17 40.11 -25.39 21.54
N GLU A 18 39.64 -24.63 22.52
CA GLU A 18 38.37 -24.90 23.17
C GLU A 18 37.22 -24.07 22.60
N PHE A 19 37.42 -23.44 21.44
CA PHE A 19 36.41 -22.59 20.86
C PHE A 19 35.40 -23.42 20.08
N VAL A 20 34.10 -23.21 20.36
CA VAL A 20 33.01 -23.89 19.66
C VAL A 20 31.88 -22.91 19.43
N SER A 21 31.45 -22.79 18.18
CA SER A 21 30.40 -21.87 17.81
C SER A 21 29.12 -22.57 17.37
N GLY A 22 29.16 -23.89 17.21
CA GLY A 22 28.05 -24.62 16.66
C GLY A 22 28.15 -24.79 15.16
N GLU A 23 28.85 -23.87 14.49
CA GLU A 23 29.10 -23.93 13.06
C GLU A 23 30.50 -24.49 12.86
N ALA A 24 30.58 -25.67 12.23
CA ALA A 24 31.84 -26.38 12.11
C ALA A 24 32.83 -25.64 11.23
N VAL A 25 32.35 -24.97 10.17
CA VAL A 25 33.27 -24.25 9.30
C VAL A 25 33.98 -23.12 10.06
N LEU A 26 33.23 -22.33 10.84
CA LEU A 26 33.85 -21.24 11.60
C LEU A 26 34.86 -21.76 12.63
N ASP A 27 34.49 -22.78 13.39
CA ASP A 27 35.38 -23.27 14.44
C ASP A 27 36.63 -23.89 13.84
N ASP A 28 36.44 -24.74 12.83
CA ASP A 28 37.57 -25.39 12.19
C ASP A 28 38.47 -24.38 11.51
N TRP A 29 37.90 -23.36 10.88
CA TRP A 29 38.72 -22.31 10.28
C TRP A 29 39.55 -21.61 11.34
N LEU A 30 38.92 -21.15 12.41
CA LEU A 30 39.70 -20.53 13.47
C LEU A 30 40.89 -21.41 13.82
N LYS A 31 40.61 -22.63 14.30
CA LYS A 31 41.62 -23.52 14.87
C LYS A 31 42.70 -23.94 13.87
N GLN A 32 42.36 -24.07 12.58
CA GLN A 32 43.36 -24.54 11.63
C GLN A 32 44.11 -23.40 10.94
N LYS A 33 43.44 -22.32 10.55
CA LYS A 33 44.03 -21.37 9.63
C LYS A 33 44.10 -19.93 10.12
N GLY A 34 43.46 -19.57 11.24
CA GLY A 34 43.45 -18.17 11.59
C GLY A 34 44.82 -17.53 11.65
N LEU A 35 45.70 -18.11 12.48
CA LEU A 35 47.02 -17.55 12.71
C LEU A 35 47.89 -17.68 11.47
N LYS A 36 47.86 -18.84 10.82
CA LYS A 36 48.65 -19.02 9.62
C LYS A 36 48.30 -17.94 8.60
N ASN A 37 47.01 -17.64 8.42
CA ASN A 37 46.62 -16.60 7.47
C ASN A 37 47.06 -15.22 7.94
N GLN A 38 47.02 -14.96 9.24
CA GLN A 38 47.52 -13.68 9.70
C GLN A 38 48.95 -13.50 9.24
N ALA A 39 49.73 -14.58 9.23
CA ALA A 39 51.09 -14.49 8.70
C ALA A 39 51.09 -14.39 7.18
N LEU A 40 50.22 -15.16 6.51
CA LEU A 40 50.18 -15.29 5.05
C LEU A 40 49.50 -14.12 4.35
N GLY A 41 48.81 -13.24 5.07
CA GLY A 41 48.07 -12.22 4.39
C GLY A 41 46.83 -12.70 3.69
N ALA A 42 46.26 -13.83 4.11
CA ALA A 42 44.96 -14.21 3.57
C ALA A 42 43.81 -13.54 4.31
N ALA A 43 44.01 -13.17 5.57
CA ALA A 43 42.99 -12.48 6.34
C ALA A 43 43.66 -11.84 7.53
N ARG A 44 42.95 -10.87 8.11
CA ARG A 44 43.28 -10.29 9.42
C ARG A 44 42.19 -10.69 10.41
N THR A 45 42.56 -11.40 11.45
CA THR A 45 41.61 -11.87 12.45
C THR A 45 41.70 -11.04 13.73
N PHE A 46 40.55 -10.81 14.36
CA PHE A 46 40.44 -10.08 15.61
C PHE A 46 39.59 -10.89 16.57
N VAL A 47 40.04 -10.97 17.82
CA VAL A 47 39.43 -11.80 18.84
C VAL A 47 39.10 -10.95 20.06
N VAL A 48 38.04 -11.33 20.76
CA VAL A 48 37.79 -10.89 22.13
C VAL A 48 37.89 -12.13 23.01
N CYS A 49 38.50 -11.99 24.17
CA CYS A 49 38.79 -13.13 25.04
C CYS A 49 37.94 -13.06 26.30
N LYS A 50 37.86 -14.20 26.99
CA LYS A 50 37.16 -14.22 28.26
C LYS A 50 37.91 -13.34 29.26
N LYS A 51 37.15 -12.66 30.10
CA LYS A 51 37.68 -11.66 31.02
C LYS A 51 38.98 -12.12 31.70
N ASP A 52 40.10 -11.50 31.30
CA ASP A 52 41.42 -11.71 31.89
C ASP A 52 42.05 -13.06 31.53
N THR A 53 41.59 -13.69 30.47
CA THR A 53 42.19 -14.91 29.95
C THR A 53 42.65 -14.69 28.50
N LYS A 54 43.34 -15.69 27.95
CA LYS A 54 43.62 -15.74 26.51
C LYS A 54 42.72 -16.72 25.78
N GLN A 55 41.62 -17.13 26.41
CA GLN A 55 40.66 -18.01 25.75
C GLN A 55 39.72 -17.15 24.91
N VAL A 56 39.66 -17.45 23.61
CA VAL A 56 38.87 -16.65 22.68
C VAL A 56 37.40 -16.96 22.90
N ALA A 57 36.59 -15.91 23.02
CA ALA A 57 35.14 -16.01 23.11
C ALA A 57 34.45 -15.72 21.81
N GLY A 58 35.09 -14.95 20.93
CA GLY A 58 34.55 -14.63 19.62
C GLY A 58 35.64 -14.05 18.75
N PHE A 59 35.38 -14.02 17.45
CA PHE A 59 36.34 -13.44 16.51
C PHE A 59 35.61 -13.00 15.26
N TYR A 60 36.25 -12.08 14.53
CA TYR A 60 35.88 -11.73 13.16
C TYR A 60 37.15 -11.62 12.32
N SER A 61 37.00 -11.86 11.02
CA SER A 61 38.10 -11.86 10.08
C SER A 61 37.74 -10.99 8.88
N LEU A 62 38.68 -10.14 8.45
CA LEU A 62 38.47 -9.26 7.32
C LEU A 62 39.43 -9.57 6.17
N ALA A 63 38.97 -9.35 4.94
CA ALA A 63 39.86 -9.50 3.78
C ALA A 63 39.33 -8.68 2.61
N THR A 64 40.25 -8.17 1.77
CA THR A 64 39.82 -7.40 0.60
C THR A 64 39.02 -8.29 -0.36
N GLY A 65 38.25 -7.66 -1.24
CA GLY A 65 37.47 -8.48 -2.16
C GLY A 65 36.88 -7.70 -3.31
N SER A 66 36.25 -8.44 -4.21
CA SER A 66 35.58 -7.90 -5.39
C SER A 66 34.30 -8.68 -5.61
N VAL A 67 33.27 -8.00 -6.09
CA VAL A 67 32.04 -8.68 -6.45
C VAL A 67 31.73 -8.31 -7.90
N ASN A 68 31.37 -9.30 -8.71
CA ASN A 68 31.11 -8.99 -10.11
C ASN A 68 29.78 -8.25 -10.20
N HIS A 69 29.62 -7.50 -11.29
CA HIS A 69 28.35 -6.79 -11.48
C HIS A 69 27.18 -7.78 -11.58
N THR A 70 27.44 -8.96 -12.14
CA THR A 70 26.36 -9.91 -12.34
C THR A 70 25.81 -10.39 -11.00
N GLU A 71 26.68 -10.63 -10.04
CA GLU A 71 26.29 -11.10 -8.72
C GLU A 71 26.00 -9.96 -7.74
N ALA A 72 25.96 -8.72 -8.21
CA ALA A 72 25.69 -7.56 -7.36
C ALA A 72 24.31 -6.97 -7.68
N THR A 73 23.67 -6.43 -6.64
CA THR A 73 22.40 -5.75 -6.81
C THR A 73 22.57 -4.42 -7.54
N GLY A 74 21.58 -4.06 -8.33
CA GLY A 74 21.66 -2.83 -9.09
C GLY A 74 22.01 -1.61 -8.25
N ASN A 75 21.55 -1.59 -6.99
CA ASN A 75 21.93 -0.50 -6.08
C ASN A 75 23.43 -0.44 -5.88
N LEU A 76 24.06 -1.62 -5.73
CA LEU A 76 25.49 -1.66 -5.47
C LEU A 76 26.29 -1.28 -6.70
N ARG A 77 25.87 -1.72 -7.88
CA ARG A 77 26.67 -1.57 -9.07
C ARG A 77 26.43 -0.25 -9.80
N ARG A 78 25.55 0.61 -9.29
CA ARG A 78 25.25 1.87 -9.95
C ARG A 78 26.51 2.69 -10.16
N ASN A 79 26.85 2.93 -11.42
CA ASN A 79 27.98 3.78 -11.78
C ASN A 79 29.28 3.31 -11.13
N MET A 80 29.51 1.99 -11.14
CA MET A 80 30.66 1.38 -10.50
C MET A 80 31.48 0.60 -11.52
N PRO A 81 32.78 0.50 -11.31
CA PRO A 81 33.60 -0.36 -12.15
C PRO A 81 33.17 -1.81 -11.99
N ASP A 82 33.77 -2.66 -12.82
CA ASP A 82 33.55 -4.11 -12.74
C ASP A 82 34.92 -4.77 -12.67
N PRO A 83 35.21 -5.52 -11.60
CA PRO A 83 34.26 -5.73 -10.49
C PRO A 83 34.13 -4.54 -9.53
N ILE A 84 33.28 -4.72 -8.53
CA ILE A 84 33.02 -3.73 -7.49
C ILE A 84 33.97 -4.01 -6.35
N PRO A 85 34.67 -3.01 -5.81
CA PRO A 85 35.58 -3.24 -4.68
C PRO A 85 34.84 -3.32 -3.37
N VAL A 86 35.19 -4.29 -2.54
CA VAL A 86 34.49 -4.53 -1.29
C VAL A 86 35.49 -4.96 -0.23
N ILE A 87 35.00 -5.02 1.01
CA ILE A 87 35.69 -5.71 2.09
C ILE A 87 34.81 -6.88 2.52
N ILE A 88 35.39 -8.06 2.62
CA ILE A 88 34.67 -9.28 2.98
C ILE A 88 34.82 -9.50 4.48
N LEU A 89 33.68 -9.48 5.17
CA LEU A 89 33.55 -10.00 6.53
C LEU A 89 33.51 -11.51 6.39
N ALA A 90 34.69 -12.12 6.39
CA ALA A 90 34.81 -13.53 6.03
C ALA A 90 34.27 -14.46 7.11
N ARG A 91 34.41 -14.06 8.37
CA ARG A 91 34.10 -14.94 9.48
C ARG A 91 33.57 -14.05 10.61
N LEU A 92 32.51 -14.50 11.28
CA LEU A 92 32.05 -13.81 12.49
C LEU A 92 31.35 -14.86 13.34
N ALA A 93 31.96 -15.19 14.47
CA ALA A 93 31.49 -16.30 15.26
C ALA A 93 31.69 -15.99 16.74
N VAL A 94 30.72 -16.38 17.55
CA VAL A 94 30.77 -16.23 18.99
C VAL A 94 30.60 -17.60 19.61
N ASP A 95 31.44 -17.92 20.58
CA ASP A 95 31.26 -19.17 21.30
C ASP A 95 29.85 -19.22 21.88
N LEU A 96 29.24 -20.42 21.82
CA LEU A 96 27.87 -20.58 22.32
C LEU A 96 27.76 -20.20 23.78
N SER A 97 28.81 -20.44 24.57
CA SER A 97 28.84 -20.10 25.98
C SER A 97 28.71 -18.61 26.22
N PHE A 98 28.86 -17.76 25.20
CA PHE A 98 28.74 -16.31 25.37
C PHE A 98 27.64 -15.70 24.52
N HIS A 99 26.85 -16.51 23.80
CA HIS A 99 25.70 -15.98 23.12
C HIS A 99 24.82 -15.24 24.12
N GLY A 100 24.02 -14.31 23.61
CA GLY A 100 23.15 -13.53 24.46
C GLY A 100 23.82 -12.39 25.21
N LYS A 101 25.13 -12.45 25.47
CA LYS A 101 25.86 -11.38 26.13
C LYS A 101 26.20 -10.22 25.19
N GLY A 102 25.75 -10.28 23.93
CA GLY A 102 25.99 -9.20 22.99
C GLY A 102 27.37 -9.14 22.39
N LEU A 103 28.10 -10.26 22.35
CA LEU A 103 29.48 -10.25 21.85
C LEU A 103 29.52 -10.13 20.34
N GLY A 104 28.58 -10.76 19.64
CA GLY A 104 28.52 -10.65 18.20
C GLY A 104 28.29 -9.22 17.75
N ALA A 105 27.40 -8.50 18.42
CA ALA A 105 27.15 -7.10 18.06
C ALA A 105 28.37 -6.22 18.32
N ASP A 106 29.07 -6.45 19.44
CA ASP A 106 30.28 -5.68 19.70
C ASP A 106 31.33 -5.96 18.63
N LEU A 107 31.50 -7.24 18.29
CA LEU A 107 32.45 -7.63 17.25
C LEU A 107 32.12 -6.98 15.92
N LEU A 108 30.86 -7.07 15.50
CA LEU A 108 30.45 -6.47 14.23
C LEU A 108 30.73 -4.97 14.25
N HIS A 109 30.56 -4.33 15.41
CA HIS A 109 30.79 -2.89 15.52
C HIS A 109 32.26 -2.56 15.31
N ASP A 110 33.15 -3.28 16.00
CA ASP A 110 34.59 -3.09 15.78
C ASP A 110 34.95 -3.34 14.33
N ALA A 111 34.38 -4.38 13.73
CA ALA A 111 34.66 -4.69 12.34
C ALA A 111 34.24 -3.55 11.41
N VAL A 112 33.03 -3.01 11.60
CA VAL A 112 32.57 -1.93 10.74
C VAL A 112 33.47 -0.70 10.90
N LEU A 113 33.86 -0.39 12.13
CA LEU A 113 34.76 0.74 12.32
C LEU A 113 36.07 0.52 11.58
N ARG A 114 36.65 -0.67 11.72
CA ARG A 114 37.90 -0.97 11.04
C ARG A 114 37.74 -0.83 9.54
N CYS A 115 36.60 -1.26 9.02
CA CYS A 115 36.37 -1.13 7.58
C CYS A 115 36.23 0.32 7.18
N TYR A 116 35.65 1.16 8.04
CA TYR A 116 35.61 2.59 7.72
C TYR A 116 37.01 3.14 7.61
N ARG A 117 37.84 2.87 8.63
CA ARG A 117 39.21 3.38 8.64
C ARG A 117 39.95 2.91 7.39
N VAL A 118 39.67 1.67 6.95
CA VAL A 118 40.28 1.15 5.74
C VAL A 118 39.81 1.92 4.53
N ALA A 119 38.50 2.19 4.47
CA ALA A 119 37.92 2.86 3.32
C ALA A 119 38.42 4.29 3.16
N GLU A 120 38.91 4.91 4.23
CA GLU A 120 39.54 6.23 4.07
C GLU A 120 40.75 6.16 3.16
N ASN A 121 41.48 5.05 3.17
CA ASN A 121 42.72 4.93 2.41
C ASN A 121 42.55 4.22 1.07
N ILE A 122 41.49 3.43 0.89
CA ILE A 122 41.35 2.61 -0.30
C ILE A 122 39.88 2.43 -0.62
N GLY A 123 39.60 2.32 -1.91
CA GLY A 123 38.24 2.22 -2.41
C GLY A 123 37.49 1.00 -1.92
N VAL A 124 36.34 1.24 -1.31
CA VAL A 124 35.49 0.17 -0.81
C VAL A 124 34.05 0.60 -0.98
N ARG A 125 33.31 -0.14 -1.79
CA ARG A 125 31.90 0.19 -1.99
C ARG A 125 31.04 -0.30 -0.83
N ALA A 126 31.33 -1.50 -0.31
CA ALA A 126 30.51 -2.05 0.74
C ALA A 126 31.28 -3.12 1.51
N ILE A 127 30.76 -3.43 2.69
CA ILE A 127 31.12 -4.64 3.41
C ILE A 127 30.19 -5.73 2.92
N MET A 128 30.73 -6.92 2.73
CA MET A 128 29.94 -8.05 2.27
C MET A 128 30.14 -9.22 3.20
N VAL A 129 29.05 -9.91 3.50
CA VAL A 129 29.09 -11.11 4.33
C VAL A 129 28.19 -12.16 3.70
N HIS A 130 28.57 -13.43 3.87
CA HIS A 130 27.70 -14.56 3.56
C HIS A 130 27.21 -15.13 4.89
N ALA A 131 25.92 -14.97 5.14
CA ALA A 131 25.34 -15.51 6.36
C ALA A 131 25.31 -17.02 6.26
N LEU A 132 25.73 -17.68 7.34
CA LEU A 132 25.82 -19.13 7.41
C LEU A 132 24.52 -19.76 7.91
N THR A 133 23.78 -19.08 8.76
CA THR A 133 22.51 -19.56 9.28
C THR A 133 21.45 -18.47 9.12
N GLU A 134 20.21 -18.80 9.48
CA GLU A 134 19.16 -17.79 9.46
C GLU A 134 19.29 -16.84 10.63
N GLU A 135 19.68 -17.37 11.80
CA GLU A 135 19.98 -16.49 12.91
C GLU A 135 20.99 -15.44 12.48
N ALA A 136 22.02 -15.85 11.72
CA ALA A 136 23.04 -14.93 11.24
C ALA A 136 22.44 -13.88 10.30
N LYS A 137 21.60 -14.31 9.35
CA LYS A 137 20.98 -13.35 8.44
C LYS A 137 20.21 -12.29 9.21
N ASN A 138 19.39 -12.71 10.17
CA ASN A 138 18.61 -11.75 10.93
C ASN A 138 19.52 -10.84 11.74
N PHE A 139 20.62 -11.40 12.26
CA PHE A 139 21.58 -10.60 13.00
C PHE A 139 22.10 -9.47 12.13
N PHE A 140 22.51 -9.78 10.90
CA PHE A 140 23.05 -8.77 10.02
C PHE A 140 21.97 -7.79 9.55
N ILE A 141 20.76 -8.30 9.27
CA ILE A 141 19.70 -7.41 8.79
C ILE A 141 19.32 -6.40 9.87
N HIS A 142 19.33 -6.82 11.13
CA HIS A 142 19.00 -5.89 12.20
C HIS A 142 20.07 -4.82 12.35
N HIS A 143 21.32 -5.14 12.05
CA HIS A 143 22.41 -4.18 12.22
C HIS A 143 22.71 -3.40 10.93
N GLY A 144 21.77 -3.36 9.99
CA GLY A 144 21.82 -2.47 8.84
C GLY A 144 22.07 -3.15 7.52
N PHE A 145 22.56 -4.38 7.51
CA PHE A 145 22.87 -5.03 6.24
C PHE A 145 21.59 -5.29 5.44
N LYS A 146 21.74 -5.45 4.13
CA LYS A 146 20.61 -5.65 3.23
C LYS A 146 20.89 -6.82 2.30
N SER A 147 20.02 -7.83 2.32
CA SER A 147 20.25 -9.03 1.52
C SER A 147 20.22 -8.71 0.03
N SER A 148 20.96 -9.52 -0.74
CA SER A 148 21.00 -9.46 -2.19
C SER A 148 19.68 -9.94 -2.81
N GLN A 149 19.51 -9.65 -4.10
CA GLN A 149 18.39 -10.13 -4.90
C GLN A 149 18.67 -11.47 -5.58
N THR A 150 19.89 -11.67 -6.06
CA THR A 150 20.26 -12.92 -6.74
C THR A 150 20.54 -14.01 -5.72
N GLN A 151 21.57 -13.80 -4.90
CA GLN A 151 21.87 -14.68 -3.76
C GLN A 151 21.25 -13.99 -2.55
N GLN A 152 20.23 -14.63 -1.95
CA GLN A 152 19.48 -14.03 -0.86
C GLN A 152 20.16 -14.16 0.51
N ARG A 153 21.17 -15.03 0.64
CA ARG A 153 21.96 -15.16 1.86
C ARG A 153 23.27 -14.38 1.82
N THR A 154 23.45 -13.52 0.82
CA THR A 154 24.58 -12.62 0.72
C THR A 154 24.10 -11.22 1.09
N LEU A 155 24.75 -10.60 2.06
CA LEU A 155 24.33 -9.30 2.54
C LEU A 155 25.44 -8.28 2.38
N PHE A 156 25.04 -7.02 2.19
CA PHE A 156 25.94 -5.90 2.01
C PHE A 156 25.57 -4.79 2.98
N LEU A 157 26.57 -3.95 3.27
CA LEU A 157 26.38 -2.75 4.08
C LEU A 157 27.24 -1.66 3.46
N ARG A 158 26.63 -0.57 3.02
CA ARG A 158 27.42 0.45 2.35
C ARG A 158 28.09 1.34 3.40
N LEU A 159 29.28 1.83 3.06
CA LEU A 159 30.06 2.53 4.06
C LEU A 159 29.87 4.04 4.14
N PRO A 160 29.81 4.76 3.02
CA PRO A 160 29.91 6.22 3.13
C PRO A 160 28.78 6.85 3.93
N VAL B 4 57.25 19.13 -5.55
CA VAL B 4 55.80 19.00 -5.59
C VAL B 4 55.26 18.85 -4.18
N THR B 5 53.94 18.87 -4.01
CA THR B 5 53.43 18.71 -2.68
C THR B 5 53.52 17.23 -2.26
N ALA B 6 53.20 16.97 -1.01
CA ALA B 6 53.16 15.57 -0.57
C ALA B 6 51.76 15.00 -0.81
N PRO B 7 51.64 13.67 -0.92
CA PRO B 7 50.38 13.08 -1.37
C PRO B 7 49.22 13.44 -0.46
N GLU B 8 48.05 13.66 -1.07
CA GLU B 8 46.83 14.10 -0.41
C GLU B 8 45.62 13.61 -1.18
N PRO B 9 44.50 13.40 -0.52
CA PRO B 9 43.30 12.90 -1.22
C PRO B 9 42.80 13.90 -2.25
N LEU B 10 42.29 13.37 -3.37
CA LEU B 10 41.64 14.22 -4.36
C LEU B 10 40.41 14.89 -3.76
N SER B 11 40.16 16.13 -4.18
CA SER B 11 38.95 16.85 -3.76
C SER B 11 38.49 17.72 -4.93
N ALA B 12 37.32 18.34 -4.76
CA ALA B 12 36.78 19.18 -5.82
C ALA B 12 37.67 20.39 -6.11
N PHE B 13 38.73 20.59 -5.33
CA PHE B 13 39.59 21.74 -5.45
C PHE B 13 40.80 21.52 -6.34
N HIS B 14 41.12 20.29 -6.72
CA HIS B 14 42.33 20.07 -7.50
C HIS B 14 42.09 20.33 -8.98
N GLN B 15 43.05 21.03 -9.60
CA GLN B 15 42.98 21.38 -11.01
C GLN B 15 43.45 20.18 -11.81
N VAL B 16 42.52 19.49 -12.46
CA VAL B 16 42.84 18.35 -13.30
C VAL B 16 42.59 18.61 -14.77
N ALA B 17 42.12 19.80 -15.13
CA ALA B 17 41.70 20.03 -16.51
C ALA B 17 42.85 19.95 -17.50
N GLU B 18 44.06 20.37 -17.12
CA GLU B 18 45.22 20.37 -18.00
C GLU B 18 46.20 19.22 -17.74
N PHE B 19 45.77 18.15 -17.09
CA PHE B 19 46.65 17.04 -16.74
C PHE B 19 46.92 16.21 -17.98
N VAL B 20 48.20 15.92 -18.26
CA VAL B 20 48.55 15.10 -19.41
C VAL B 20 49.70 14.18 -19.05
N SER B 21 49.52 12.88 -19.28
CA SER B 21 50.54 11.89 -18.95
C SER B 21 51.06 11.08 -20.14
N GLY B 22 50.49 11.24 -21.33
CA GLY B 22 50.82 10.41 -22.48
C GLY B 22 49.88 9.25 -22.73
N GLU B 23 49.23 8.74 -21.70
CA GLU B 23 48.12 7.80 -21.85
C GLU B 23 46.84 8.58 -21.60
N ALA B 24 46.05 8.79 -22.65
CA ALA B 24 44.87 9.62 -22.56
C ALA B 24 43.82 8.97 -21.66
N VAL B 25 43.79 7.64 -21.64
CA VAL B 25 42.83 6.93 -20.81
C VAL B 25 43.00 7.36 -19.35
N LEU B 26 44.25 7.43 -18.89
CA LEU B 26 44.54 7.87 -17.53
C LEU B 26 44.11 9.32 -17.29
N ASP B 27 44.40 10.22 -18.23
CA ASP B 27 44.08 11.63 -18.04
C ASP B 27 42.57 11.86 -18.00
N ASP B 28 41.85 11.30 -18.96
CA ASP B 28 40.40 11.43 -18.95
C ASP B 28 39.80 10.71 -17.75
N TRP B 29 40.41 9.60 -17.30
CA TRP B 29 39.94 8.96 -16.08
C TRP B 29 40.03 9.92 -14.92
N LEU B 30 41.20 10.52 -14.72
CA LEU B 30 41.33 11.54 -13.68
C LEU B 30 40.21 12.55 -13.79
N LYS B 31 40.16 13.26 -14.92
CA LYS B 31 39.29 14.42 -15.07
C LYS B 31 37.82 14.05 -14.97
N GLN B 32 37.42 12.88 -15.43
CA GLN B 32 36.02 12.50 -15.48
C GLN B 32 35.55 11.74 -14.25
N LYS B 33 36.34 10.81 -13.70
CA LYS B 33 35.89 9.90 -12.68
C LYS B 33 36.64 9.95 -11.35
N GLY B 34 37.78 10.66 -11.25
CA GLY B 34 38.54 10.61 -10.02
C GLY B 34 37.69 10.95 -8.83
N LEU B 35 37.06 12.12 -8.87
CA LEU B 35 36.24 12.58 -7.76
C LEU B 35 34.93 11.80 -7.65
N LYS B 36 34.24 11.57 -8.76
CA LYS B 36 32.99 10.82 -8.67
C LYS B 36 33.21 9.47 -7.98
N ASN B 37 34.28 8.78 -8.35
CA ASN B 37 34.62 7.52 -7.71
C ASN B 37 35.00 7.73 -6.25
N GLN B 38 35.65 8.86 -5.95
CA GLN B 38 35.94 9.18 -4.55
C GLN B 38 34.66 9.18 -3.74
N ALA B 39 33.58 9.70 -4.33
CA ALA B 39 32.28 9.77 -3.68
C ALA B 39 31.59 8.40 -3.59
N LEU B 40 31.68 7.62 -4.66
CA LEU B 40 30.98 6.34 -4.70
C LEU B 40 31.68 5.24 -3.92
N GLY B 41 32.91 5.48 -3.46
CA GLY B 41 33.67 4.41 -2.85
C GLY B 41 34.21 3.39 -3.84
N ALA B 42 34.40 3.77 -5.09
CA ALA B 42 35.05 2.91 -6.06
C ALA B 42 36.57 3.02 -6.05
N ALA B 43 37.13 4.13 -5.59
CA ALA B 43 38.58 4.24 -5.51
C ALA B 43 38.96 5.36 -4.56
N ARG B 44 40.18 5.26 -4.04
CA ARG B 44 40.81 6.33 -3.29
C ARG B 44 41.96 6.88 -4.13
N THR B 45 41.84 8.14 -4.53
CA THR B 45 42.86 8.77 -5.34
C THR B 45 43.66 9.71 -4.45
N PHE B 46 44.95 9.76 -4.70
CA PHE B 46 45.87 10.61 -3.96
C PHE B 46 46.70 11.36 -4.98
N VAL B 47 46.84 12.67 -4.79
CA VAL B 47 47.53 13.49 -5.76
C VAL B 47 48.67 14.21 -5.06
N VAL B 48 49.73 14.44 -5.82
CA VAL B 48 50.78 15.39 -5.47
C VAL B 48 50.64 16.55 -6.45
N CYS B 49 50.79 17.76 -5.96
CA CYS B 49 50.52 18.94 -6.76
C CYS B 49 51.78 19.74 -7.05
N LYS B 50 51.66 20.60 -8.05
CA LYS B 50 52.68 21.59 -8.39
C LYS B 50 52.77 22.56 -7.22
N LYS B 51 53.89 22.50 -6.49
CA LYS B 51 54.10 23.25 -5.26
C LYS B 51 53.48 24.63 -5.26
N ASP B 52 52.57 24.87 -4.30
CA ASP B 52 51.86 26.12 -4.08
C ASP B 52 50.73 26.32 -5.08
N THR B 53 50.31 25.26 -5.74
CA THR B 53 49.13 25.26 -6.60
C THR B 53 48.19 24.15 -6.17
N LYS B 54 47.01 24.12 -6.78
CA LYS B 54 46.14 22.95 -6.71
C LYS B 54 46.20 22.16 -8.00
N GLN B 55 47.22 22.42 -8.82
CA GLN B 55 47.42 21.74 -10.09
C GLN B 55 48.06 20.37 -9.86
N VAL B 56 47.38 19.31 -10.31
CA VAL B 56 47.82 17.95 -10.05
C VAL B 56 48.98 17.60 -10.98
N ALA B 57 50.08 17.10 -10.39
CA ALA B 57 51.24 16.61 -11.15
C ALA B 57 51.31 15.09 -11.24
N GLY B 58 50.71 14.36 -10.31
CA GLY B 58 50.68 12.91 -10.36
C GLY B 58 49.64 12.37 -9.40
N PHE B 59 49.27 11.10 -9.61
CA PHE B 59 48.29 10.49 -8.73
C PHE B 59 48.38 8.97 -8.81
N TYR B 60 47.85 8.31 -7.79
CA TYR B 60 47.56 6.88 -7.83
C TYR B 60 46.21 6.60 -7.17
N SER B 61 45.55 5.53 -7.60
CA SER B 61 44.24 5.15 -7.07
C SER B 61 44.27 3.72 -6.53
N LEU B 62 43.68 3.53 -5.36
CA LEU B 62 43.64 2.22 -4.73
C LEU B 62 42.21 1.71 -4.62
N ALA B 63 42.05 0.39 -4.71
CA ALA B 63 40.74 -0.20 -4.52
C ALA B 63 40.90 -1.65 -4.08
N THR B 64 40.01 -2.13 -3.22
CA THR B 64 40.10 -3.55 -2.84
C THR B 64 39.85 -4.43 -4.06
N GLY B 65 40.30 -5.68 -4.00
CA GLY B 65 40.07 -6.56 -5.14
C GLY B 65 40.41 -8.00 -4.81
N SER B 66 40.18 -8.87 -5.79
CA SER B 66 40.58 -10.27 -5.65
C SER B 66 41.00 -10.79 -7.01
N VAL B 67 41.98 -11.71 -7.00
CA VAL B 67 42.43 -12.36 -8.23
C VAL B 67 42.34 -13.87 -8.05
N ASN B 68 41.84 -14.57 -9.09
CA ASN B 68 41.71 -16.01 -8.98
C ASN B 68 43.07 -16.70 -9.05
N HIS B 69 43.11 -17.92 -8.53
CA HIS B 69 44.36 -18.68 -8.55
C HIS B 69 44.87 -18.85 -9.97
N THR B 70 43.99 -18.94 -10.96
CA THR B 70 44.46 -19.19 -12.32
C THR B 70 45.20 -17.99 -12.89
N GLU B 71 44.75 -16.77 -12.60
CA GLU B 71 45.48 -15.61 -13.10
C GLU B 71 46.56 -15.15 -12.14
N ALA B 72 46.81 -15.92 -11.08
CA ALA B 72 47.80 -15.58 -10.08
C ALA B 72 49.02 -16.48 -10.20
N THR B 73 50.18 -15.90 -9.90
CA THR B 73 51.41 -16.64 -9.87
C THR B 73 51.43 -17.58 -8.67
N GLY B 74 52.10 -18.74 -8.84
CA GLY B 74 52.19 -19.73 -7.78
C GLY B 74 52.76 -19.20 -6.47
N ASN B 75 53.68 -18.25 -6.53
CA ASN B 75 54.16 -17.60 -5.32
C ASN B 75 53.00 -16.86 -4.63
N LEU B 76 52.10 -16.27 -5.42
CA LEU B 76 50.96 -15.52 -4.90
C LEU B 76 49.87 -16.42 -4.34
N ARG B 77 49.64 -17.59 -4.95
CA ARG B 77 48.55 -18.46 -4.51
C ARG B 77 48.99 -19.51 -3.49
N ARG B 78 50.27 -19.54 -3.11
CA ARG B 78 50.75 -20.58 -2.20
C ARG B 78 49.96 -20.60 -0.92
N ASN B 79 49.30 -21.73 -0.66
CA ASN B 79 48.56 -21.94 0.57
C ASN B 79 47.54 -20.84 0.78
N MET B 80 46.85 -20.47 -0.29
CA MET B 80 45.92 -19.35 -0.21
C MET B 80 44.51 -19.78 -0.57
N PRO B 81 43.51 -19.11 0.01
CA PRO B 81 42.13 -19.29 -0.44
C PRO B 81 41.97 -18.82 -1.88
N ASP B 82 40.80 -19.10 -2.45
CA ASP B 82 40.48 -18.66 -3.79
C ASP B 82 39.14 -17.93 -3.71
N PRO B 83 39.06 -16.66 -4.13
CA PRO B 83 40.17 -15.93 -4.73
C PRO B 83 41.21 -15.46 -3.71
N ILE B 84 42.24 -14.80 -4.22
CA ILE B 84 43.30 -14.23 -3.39
C ILE B 84 42.93 -12.78 -3.14
N PRO B 85 42.94 -12.33 -1.90
CA PRO B 85 42.59 -10.93 -1.62
C PRO B 85 43.77 -10.03 -1.94
N VAL B 86 43.48 -8.90 -2.59
CA VAL B 86 44.50 -7.99 -3.06
C VAL B 86 44.02 -6.55 -2.90
N ILE B 87 44.96 -5.63 -3.05
CA ILE B 87 44.66 -4.22 -3.27
C ILE B 87 45.10 -3.91 -4.69
N ILE B 88 44.21 -3.32 -5.46
CA ILE B 88 44.43 -3.01 -6.86
C ILE B 88 44.97 -1.59 -6.94
N LEU B 89 46.16 -1.47 -7.50
CA LEU B 89 46.69 -0.20 -7.94
C LEU B 89 45.97 0.09 -9.24
N ALA B 90 44.82 0.74 -9.13
CA ALA B 90 43.98 0.91 -10.31
C ALA B 90 44.55 1.91 -11.29
N ARG B 91 45.22 2.94 -10.79
CA ARG B 91 45.61 4.08 -11.60
C ARG B 91 46.92 4.62 -11.06
N LEU B 92 47.85 4.96 -11.96
CA LEU B 92 49.10 5.62 -11.55
C LEU B 92 49.66 6.36 -12.75
N ALA B 93 49.74 7.68 -12.67
CA ALA B 93 50.15 8.52 -13.79
C ALA B 93 50.89 9.76 -13.30
N VAL B 94 51.88 10.19 -14.09
CA VAL B 94 52.60 11.43 -13.85
C VAL B 94 52.49 12.33 -15.08
N ASP B 95 52.18 13.61 -14.86
CA ASP B 95 52.19 14.59 -15.93
C ASP B 95 53.55 14.61 -16.61
N LEU B 96 53.55 14.80 -17.94
CA LEU B 96 54.81 14.84 -18.69
C LEU B 96 55.73 15.94 -18.18
N SER B 97 55.17 17.03 -17.65
CA SER B 97 55.97 18.11 -17.09
C SER B 97 56.88 17.65 -15.97
N PHE B 98 56.67 16.45 -15.43
CA PHE B 98 57.40 15.94 -14.27
C PHE B 98 58.06 14.59 -14.50
N HIS B 99 58.04 14.06 -15.72
CA HIS B 99 58.78 12.83 -16.02
C HIS B 99 60.25 12.96 -15.65
N GLY B 100 60.88 11.84 -15.36
CA GLY B 100 62.30 11.81 -15.06
C GLY B 100 62.72 12.26 -13.68
N LYS B 101 61.93 13.08 -12.99
CA LYS B 101 62.30 13.53 -11.64
C LYS B 101 62.15 12.44 -10.59
N GLY B 102 61.79 11.22 -10.96
CA GLY B 102 61.63 10.18 -9.97
C GLY B 102 60.34 10.25 -9.20
N LEU B 103 59.32 10.91 -9.77
CA LEU B 103 58.03 11.10 -9.11
C LEU B 103 57.19 9.83 -9.16
N GLY B 104 57.28 9.08 -10.25
CA GLY B 104 56.54 7.83 -10.33
C GLY B 104 56.91 6.87 -9.22
N ALA B 105 58.20 6.74 -8.93
CA ALA B 105 58.64 5.89 -7.83
C ALA B 105 58.15 6.41 -6.49
N ASP B 106 58.12 7.74 -6.30
CA ASP B 106 57.60 8.28 -5.05
C ASP B 106 56.13 7.95 -4.88
N LEU B 107 55.33 8.13 -5.94
CA LEU B 107 53.92 7.79 -5.88
C LEU B 107 53.73 6.32 -5.53
N LEU B 108 54.41 5.44 -6.27
CA LEU B 108 54.27 4.02 -5.98
C LEU B 108 54.67 3.72 -4.55
N HIS B 109 55.68 4.41 -4.03
CA HIS B 109 56.13 4.09 -2.68
C HIS B 109 55.09 4.49 -1.66
N ASP B 110 54.55 5.70 -1.80
CA ASP B 110 53.49 6.14 -0.90
C ASP B 110 52.32 5.16 -0.94
N ALA B 111 51.95 4.70 -2.14
CA ALA B 111 50.87 3.75 -2.28
C ALA B 111 51.18 2.44 -1.57
N VAL B 112 52.41 1.93 -1.74
CA VAL B 112 52.79 0.67 -1.12
C VAL B 112 52.77 0.77 0.39
N LEU B 113 53.25 1.90 0.92
CA LEU B 113 53.17 2.11 2.37
C LEU B 113 51.73 2.11 2.84
N ARG B 114 50.87 2.82 2.11
CA ARG B 114 49.46 2.88 2.49
C ARG B 114 48.86 1.48 2.52
N CYS B 115 49.26 0.64 1.57
CA CYS B 115 48.78 -0.74 1.57
C CYS B 115 49.36 -1.55 2.71
N TYR B 116 50.61 -1.30 3.12
CA TYR B 116 51.12 -1.97 4.31
C TYR B 116 50.29 -1.59 5.52
N ARG B 117 50.05 -0.30 5.71
CA ARG B 117 49.25 0.13 6.85
C ARG B 117 47.85 -0.49 6.79
N VAL B 118 47.30 -0.62 5.58
CA VAL B 118 45.98 -1.24 5.45
C VAL B 118 46.04 -2.73 5.80
N ALA B 119 47.09 -3.41 5.36
CA ALA B 119 47.20 -4.85 5.57
C ALA B 119 47.27 -5.23 7.05
N GLU B 120 47.62 -4.28 7.92
CA GLU B 120 47.48 -4.54 9.36
C GLU B 120 46.04 -4.75 9.76
N ASN B 121 45.09 -4.10 9.07
CA ASN B 121 43.69 -4.14 9.45
C ASN B 121 42.87 -5.14 8.65
N ILE B 122 43.33 -5.55 7.48
CA ILE B 122 42.49 -6.37 6.61
C ILE B 122 43.39 -7.27 5.79
N GLY B 123 42.89 -8.47 5.47
CA GLY B 123 43.70 -9.42 4.73
C GLY B 123 44.09 -8.92 3.36
N VAL B 124 45.38 -8.91 3.05
CA VAL B 124 45.86 -8.45 1.77
C VAL B 124 47.07 -9.29 1.38
N ARG B 125 46.96 -10.05 0.30
CA ARG B 125 48.11 -10.84 -0.12
C ARG B 125 49.09 -10.01 -0.94
N ALA B 126 48.59 -9.19 -1.87
CA ALA B 126 49.48 -8.46 -2.77
C ALA B 126 48.79 -7.21 -3.31
N ILE B 127 49.62 -6.31 -3.82
CA ILE B 127 49.17 -5.23 -4.67
C ILE B 127 49.15 -5.79 -6.07
N MET B 128 48.13 -5.46 -6.84
CA MET B 128 48.01 -5.95 -8.21
C MET B 128 47.75 -4.80 -9.15
N VAL B 129 48.40 -4.81 -10.32
CA VAL B 129 48.18 -3.75 -11.31
C VAL B 129 48.03 -4.36 -12.68
N HIS B 130 47.24 -3.68 -13.52
CA HIS B 130 47.14 -4.01 -14.94
C HIS B 130 47.96 -2.94 -15.65
N ALA B 131 49.14 -3.34 -16.14
CA ALA B 131 49.99 -2.40 -16.84
C ALA B 131 49.33 -2.04 -18.15
N LEU B 132 49.27 -0.73 -18.44
CA LEU B 132 48.58 -0.24 -19.62
C LEU B 132 49.44 -0.26 -20.86
N THR B 133 50.76 -0.11 -20.71
CA THR B 133 51.69 -0.12 -21.83
C THR B 133 52.83 -1.09 -21.50
N GLU B 134 53.78 -1.19 -22.44
CA GLU B 134 55.00 -1.94 -22.16
C GLU B 134 55.94 -1.15 -21.26
N GLU B 135 56.01 0.17 -21.44
CA GLU B 135 56.75 1.00 -20.50
C GLU B 135 56.20 0.83 -19.09
N ALA B 136 54.89 0.85 -18.94
CA ALA B 136 54.31 0.70 -17.61
C ALA B 136 54.68 -0.65 -17.01
N LYS B 137 54.55 -1.71 -17.80
CA LYS B 137 54.95 -3.03 -17.32
C LYS B 137 56.41 -3.04 -16.86
N ASN B 138 57.30 -2.46 -17.67
CA ASN B 138 58.71 -2.46 -17.29
C ASN B 138 58.95 -1.64 -16.03
N PHE B 139 58.25 -0.51 -15.88
CA PHE B 139 58.38 0.30 -14.67
C PHE B 139 58.00 -0.52 -13.45
N PHE B 140 56.85 -1.17 -13.52
CA PHE B 140 56.40 -1.95 -12.37
C PHE B 140 57.36 -3.11 -12.09
N ILE B 141 57.90 -3.73 -13.15
CA ILE B 141 58.85 -4.81 -12.92
C ILE B 141 60.11 -4.26 -12.25
N HIS B 142 60.52 -3.05 -12.62
CA HIS B 142 61.68 -2.43 -11.99
C HIS B 142 61.44 -2.15 -10.52
N HIS B 143 60.19 -1.90 -10.13
CA HIS B 143 59.91 -1.66 -8.73
C HIS B 143 59.44 -2.91 -7.98
N GLY B 144 59.76 -4.08 -8.52
CA GLY B 144 59.60 -5.32 -7.79
C GLY B 144 58.47 -6.20 -8.26
N PHE B 145 57.56 -5.68 -9.07
CA PHE B 145 56.40 -6.45 -9.50
C PHE B 145 56.84 -7.59 -10.40
N LYS B 146 56.01 -8.62 -10.45
CA LYS B 146 56.30 -9.85 -11.18
C LYS B 146 55.10 -10.18 -12.04
N SER B 147 55.31 -10.33 -13.35
CA SER B 147 54.20 -10.55 -14.25
C SER B 147 53.51 -11.87 -13.95
N SER B 148 52.21 -11.90 -14.24
CA SER B 148 51.51 -13.16 -14.15
C SER B 148 52.03 -14.07 -15.26
N GLN B 149 51.71 -15.35 -15.15
CA GLN B 149 52.06 -16.25 -16.22
C GLN B 149 51.01 -16.25 -17.32
N THR B 150 49.73 -16.13 -16.94
CA THR B 150 48.62 -16.18 -17.88
C THR B 150 48.41 -14.84 -18.57
N GLN B 151 48.05 -13.80 -17.81
CA GLN B 151 47.87 -12.45 -18.36
C GLN B 151 49.18 -11.68 -18.19
N GLN B 152 49.80 -11.29 -19.32
CA GLN B 152 51.15 -10.73 -19.27
C GLN B 152 51.20 -9.26 -18.84
N ARG B 153 50.08 -8.56 -18.86
CA ARG B 153 50.03 -7.18 -18.37
C ARG B 153 49.44 -7.05 -16.98
N THR B 154 49.24 -8.16 -16.29
CA THR B 154 48.82 -8.16 -14.90
C THR B 154 50.03 -8.53 -14.05
N LEU B 155 50.41 -7.65 -13.13
CA LEU B 155 51.59 -7.85 -12.31
C LEU B 155 51.22 -7.77 -10.84
N PHE B 156 52.01 -8.44 -9.99
CA PHE B 156 51.75 -8.51 -8.56
C PHE B 156 52.97 -8.05 -7.76
N LEU B 157 52.72 -7.55 -6.55
CA LEU B 157 53.79 -7.15 -5.64
C LEU B 157 53.36 -7.60 -4.25
N ARG B 158 54.09 -8.55 -3.70
CA ARG B 158 53.69 -9.16 -2.44
C ARG B 158 54.11 -8.27 -1.28
N LEU B 159 53.30 -8.31 -0.21
CA LEU B 159 53.48 -7.44 0.95
C LEU B 159 54.17 -8.18 2.09
N PRO B 160 55.44 -7.89 2.39
CA PRO B 160 56.14 -8.62 3.46
C PRO B 160 55.60 -8.34 4.86
N GLN B 161 54.29 -8.57 5.06
CA GLN B 161 53.64 -8.61 6.38
C GLN B 161 54.23 -7.68 7.45
N GLY D 2 -35.46 -17.92 24.34
CA GLY D 2 -34.52 -17.23 23.48
C GLY D 2 -34.85 -17.32 22.00
N ARG D 3 -34.63 -18.50 21.42
CA ARG D 3 -34.90 -18.73 20.01
C ARG D 3 -36.22 -18.08 19.60
N VAL D 4 -36.21 -17.42 18.44
CA VAL D 4 -37.28 -16.50 18.08
C VAL D 4 -37.96 -16.93 16.78
N THR D 5 -39.10 -16.28 16.51
CA THR D 5 -39.91 -16.44 15.32
C THR D 5 -39.35 -15.59 14.18
N ALA D 6 -39.98 -15.70 13.00
CA ALA D 6 -39.56 -14.84 11.90
C ALA D 6 -40.26 -13.48 11.96
N PRO D 7 -39.65 -12.45 11.37
CA PRO D 7 -40.14 -11.08 11.57
C PRO D 7 -41.58 -10.90 11.08
N GLU D 8 -42.32 -10.07 11.81
CA GLU D 8 -43.75 -9.86 11.60
C GLU D 8 -44.11 -8.42 11.99
N PRO D 9 -45.19 -7.88 11.42
CA PRO D 9 -45.53 -6.47 11.70
C PRO D 9 -45.88 -6.25 13.17
N LEU D 10 -45.45 -5.10 13.70
CA LEU D 10 -45.85 -4.71 15.04
C LEU D 10 -47.36 -4.58 15.09
N SER D 11 -47.95 -4.98 16.22
CA SER D 11 -49.39 -4.87 16.40
C SER D 11 -49.68 -4.59 17.86
N ALA D 12 -50.97 -4.40 18.16
CA ALA D 12 -51.43 -4.15 19.52
C ALA D 12 -51.27 -5.36 20.43
N PHE D 13 -50.87 -6.51 19.88
CA PHE D 13 -50.73 -7.72 20.67
C PHE D 13 -49.31 -7.92 21.19
N HIS D 14 -48.33 -7.20 20.64
CA HIS D 14 -46.94 -7.38 21.03
C HIS D 14 -46.64 -6.60 22.29
N GLN D 15 -45.93 -7.23 23.22
CA GLN D 15 -45.54 -6.58 24.46
C GLN D 15 -44.24 -5.83 24.20
N VAL D 16 -44.33 -4.51 24.09
CA VAL D 16 -43.16 -3.67 23.83
C VAL D 16 -42.72 -2.91 25.06
N ALA D 17 -43.47 -3.03 26.15
CA ALA D 17 -43.12 -2.32 27.38
C ALA D 17 -41.82 -2.85 27.98
N GLU D 18 -41.51 -4.13 27.75
CA GLU D 18 -40.37 -4.80 28.35
C GLU D 18 -39.13 -4.76 27.47
N PHE D 19 -39.13 -3.95 26.43
CA PHE D 19 -38.00 -3.90 25.52
C PHE D 19 -36.93 -2.99 26.10
N VAL D 20 -35.70 -3.50 26.16
CA VAL D 20 -34.53 -2.72 26.56
C VAL D 20 -33.38 -3.15 25.68
N SER D 21 -32.76 -2.19 25.00
CA SER D 21 -31.68 -2.47 24.08
C SER D 21 -30.38 -1.81 24.49
N GLY D 22 -30.38 -0.99 25.53
CA GLY D 22 -29.26 -0.18 25.90
C GLY D 22 -29.31 1.20 25.28
N GLU D 23 -30.00 1.34 24.16
CA GLU D 23 -30.17 2.62 23.49
C GLU D 23 -31.52 3.21 23.89
N ALA D 24 -31.48 4.31 24.65
CA ALA D 24 -32.71 4.87 25.22
C ALA D 24 -33.61 5.46 24.14
N VAL D 25 -33.02 6.09 23.13
CA VAL D 25 -33.82 6.66 22.05
C VAL D 25 -34.60 5.56 21.33
N LEU D 26 -33.93 4.46 21.00
CA LEU D 26 -34.57 3.36 20.29
C LEU D 26 -35.67 2.71 21.11
N ASP D 27 -35.40 2.45 22.39
CA ASP D 27 -36.39 1.79 23.24
C ASP D 27 -37.59 2.71 23.46
N ASP D 28 -37.32 3.99 23.75
CA ASP D 28 -38.40 4.95 23.92
C ASP D 28 -39.17 5.11 22.62
N TRP D 29 -38.49 5.08 21.47
CA TRP D 29 -39.19 5.14 20.20
C TRP D 29 -40.14 3.98 20.05
N LEU D 30 -39.65 2.75 20.22
CA LEU D 30 -40.55 1.62 20.14
C LEU D 30 -41.77 1.87 21.01
N LYS D 31 -41.53 2.04 22.33
CA LYS D 31 -42.60 2.06 23.33
C LYS D 31 -43.57 3.21 23.11
N GLN D 32 -43.11 4.36 22.60
CA GLN D 32 -43.93 5.54 22.48
C GLN D 32 -44.62 5.65 21.13
N LYS D 33 -43.92 5.34 20.02
CA LYS D 33 -44.40 5.67 18.69
C LYS D 33 -44.52 4.50 17.72
N GLY D 34 -44.00 3.30 18.03
CA GLY D 34 -44.02 2.25 17.04
C GLY D 34 -45.40 1.95 16.45
N LEU D 35 -46.36 1.61 17.32
CA LEU D 35 -47.68 1.21 16.84
C LEU D 35 -48.48 2.36 16.22
N LYS D 36 -48.45 3.53 16.86
CA LYS D 36 -49.17 4.66 16.28
C LYS D 36 -48.63 5.01 14.89
N ASN D 37 -47.31 4.96 14.72
CA ASN D 37 -46.74 5.28 13.42
C ASN D 37 -47.16 4.20 12.43
N GLN D 38 -47.15 2.93 12.84
CA GLN D 38 -47.64 1.92 11.91
C GLN D 38 -49.06 2.25 11.45
N ALA D 39 -49.88 2.75 12.38
CA ALA D 39 -51.24 3.13 11.99
C ALA D 39 -51.23 4.36 11.08
N LEU D 40 -50.37 5.33 11.38
CA LEU D 40 -50.25 6.58 10.64
C LEU D 40 -49.43 6.45 9.36
N GLY D 41 -48.77 5.32 9.15
CA GLY D 41 -47.92 5.27 7.98
C GLY D 41 -46.66 6.08 8.09
N ALA D 42 -46.20 6.36 9.31
CA ALA D 42 -44.93 7.05 9.43
C ALA D 42 -43.77 6.06 9.29
N ALA D 43 -44.01 4.80 9.61
CA ALA D 43 -43.00 3.78 9.46
C ALA D 43 -43.69 2.42 9.49
N ARG D 44 -43.00 1.44 8.95
CA ARG D 44 -43.37 0.04 9.08
C ARG D 44 -42.35 -0.63 9.98
N THR D 45 -42.82 -1.17 11.10
CA THR D 45 -41.95 -1.85 12.03
C THR D 45 -42.19 -3.34 11.91
N PHE D 46 -41.10 -4.12 12.04
CA PHE D 46 -41.15 -5.58 12.03
C PHE D 46 -40.39 -6.09 13.24
N VAL D 47 -40.99 -7.05 13.95
CA VAL D 47 -40.46 -7.52 15.21
C VAL D 47 -40.23 -9.03 15.14
N VAL D 48 -39.23 -9.51 15.87
CA VAL D 48 -39.08 -10.93 16.17
C VAL D 48 -39.28 -11.13 17.67
N CYS D 49 -40.03 -12.17 18.01
CA CYS D 49 -40.43 -12.45 19.39
C CYS D 49 -39.79 -13.74 19.86
N LYS D 50 -39.78 -13.93 21.19
CA LYS D 50 -39.34 -15.21 21.75
C LYS D 50 -40.33 -16.29 21.34
N LYS D 51 -39.90 -17.21 20.48
CA LYS D 51 -40.75 -18.28 19.96
C LYS D 51 -41.77 -18.67 21.03
N ASP D 52 -43.06 -18.51 20.69
CA ASP D 52 -44.19 -18.79 21.56
C ASP D 52 -44.45 -17.69 22.57
N THR D 53 -43.88 -16.49 22.37
CA THR D 53 -44.21 -15.32 23.18
C THR D 53 -44.64 -14.19 22.27
N LYS D 54 -45.11 -13.11 22.89
CA LYS D 54 -45.23 -11.82 22.24
C LYS D 54 -44.18 -10.84 22.76
N GLN D 55 -43.15 -11.34 23.43
CA GLN D 55 -42.09 -10.48 23.93
C GLN D 55 -41.14 -10.15 22.80
N VAL D 56 -41.02 -8.86 22.50
CA VAL D 56 -40.20 -8.42 21.39
C VAL D 56 -38.74 -8.56 21.77
N ALA D 57 -37.98 -9.23 20.90
CA ALA D 57 -36.54 -9.35 21.08
C ALA D 57 -35.77 -8.41 20.17
N GLY D 58 -36.35 -8.02 19.04
CA GLY D 58 -35.71 -7.09 18.15
C GLY D 58 -36.70 -6.58 17.13
N PHE D 59 -36.35 -5.46 16.50
CA PHE D 59 -37.23 -4.88 15.50
C PHE D 59 -36.42 -3.99 14.56
N TYR D 60 -36.99 -3.77 13.37
CA TYR D 60 -36.55 -2.70 12.49
C TYR D 60 -37.77 -1.99 11.91
N SER D 61 -37.56 -0.73 11.54
CA SER D 61 -38.61 0.11 11.02
C SER D 61 -38.14 0.71 9.70
N LEU D 62 -39.00 0.65 8.68
CA LEU D 62 -38.67 1.18 7.36
C LEU D 62 -39.62 2.32 7.00
N ALA D 63 -39.13 3.25 6.20
CA ALA D 63 -39.97 4.31 5.67
C ALA D 63 -39.27 4.92 4.46
N THR D 64 -40.07 5.29 3.45
CA THR D 64 -39.49 5.92 2.27
C THR D 64 -38.83 7.25 2.66
N GLY D 65 -37.94 7.71 1.79
CA GLY D 65 -37.25 8.97 1.99
C GLY D 65 -36.54 9.37 0.73
N SER D 66 -35.93 10.55 0.77
CA SER D 66 -35.14 11.04 -0.35
C SER D 66 -33.95 11.80 0.20
N VAL D 67 -32.84 11.75 -0.54
CA VAL D 67 -31.63 12.46 -0.18
C VAL D 67 -31.21 13.35 -1.34
N ASN D 68 -30.78 14.58 -1.02
CA ASN D 68 -30.36 15.56 -2.02
C ASN D 68 -29.02 15.20 -2.60
N HIS D 69 -28.71 15.76 -3.78
CA HIS D 69 -27.42 15.47 -4.38
C HIS D 69 -26.27 15.92 -3.49
N THR D 70 -26.48 16.97 -2.70
CA THR D 70 -25.39 17.53 -1.89
C THR D 70 -24.95 16.54 -0.80
N GLU D 71 -25.86 15.83 -0.16
CA GLU D 71 -25.45 14.85 0.83
C GLU D 71 -25.23 13.46 0.25
N ALA D 72 -25.26 13.32 -1.06
CA ALA D 72 -25.06 12.03 -1.70
C ALA D 72 -23.69 11.97 -2.35
N THR D 73 -23.08 10.79 -2.30
CA THR D 73 -21.81 10.57 -2.99
C THR D 73 -22.02 10.48 -4.49
N GLY D 74 -21.03 10.96 -5.25
CA GLY D 74 -21.16 10.95 -6.68
C GLY D 74 -21.57 9.59 -7.23
N ASN D 75 -21.13 8.52 -6.58
CA ASN D 75 -21.59 7.19 -6.98
C ASN D 75 -23.11 7.09 -6.87
N LEU D 76 -23.68 7.68 -5.82
CA LEU D 76 -25.10 7.57 -5.60
C LEU D 76 -25.88 8.43 -6.60
N ARG D 77 -25.36 9.61 -6.91
CA ARG D 77 -26.06 10.61 -7.68
C ARG D 77 -25.79 10.56 -9.17
N ARG D 78 -24.97 9.64 -9.66
CA ARG D 78 -24.66 9.61 -11.09
C ARG D 78 -25.94 9.47 -11.91
N ASN D 79 -26.23 10.46 -12.74
CA ASN D 79 -27.39 10.42 -13.64
C ASN D 79 -28.70 10.21 -12.89
N MET D 80 -28.89 10.96 -11.80
CA MET D 80 -30.05 10.80 -10.94
C MET D 80 -30.84 12.11 -10.81
N PRO D 81 -32.15 12.04 -10.61
CA PRO D 81 -32.89 13.25 -10.27
C PRO D 81 -32.47 13.75 -8.90
N ASP D 82 -32.96 14.94 -8.57
CA ASP D 82 -32.71 15.55 -7.26
C ASP D 82 -34.06 15.89 -6.66
N PRO D 83 -34.40 15.35 -5.48
CA PRO D 83 -33.58 14.44 -4.66
C PRO D 83 -33.47 13.03 -5.21
N ILE D 84 -32.74 12.19 -4.49
CA ILE D 84 -32.54 10.78 -4.85
C ILE D 84 -33.53 9.94 -4.06
N PRO D 85 -34.26 9.02 -4.69
CA PRO D 85 -35.20 8.19 -3.92
C PRO D 85 -34.47 7.11 -3.16
N VAL D 86 -34.87 6.90 -1.91
CA VAL D 86 -34.19 5.93 -1.04
C VAL D 86 -35.23 5.24 -0.17
N ILE D 87 -34.79 4.21 0.52
CA ILE D 87 -35.55 3.63 1.62
C ILE D 87 -34.71 3.81 2.88
N ILE D 88 -35.35 4.31 3.94
CA ILE D 88 -34.66 4.65 5.18
C ILE D 88 -34.79 3.48 6.15
N LEU D 89 -33.66 2.91 6.55
CA LEU D 89 -33.61 2.00 7.69
C LEU D 89 -33.66 2.90 8.93
N ALA D 90 -34.89 3.17 9.39
CA ALA D 90 -35.07 4.19 10.43
C ALA D 90 -34.60 3.72 11.79
N ARG D 91 -34.81 2.44 12.10
CA ARG D 91 -34.60 1.92 13.45
C ARG D 91 -34.11 0.48 13.30
N LEU D 92 -33.18 0.08 14.15
CA LEU D 92 -32.76 -1.32 14.23
C LEU D 92 -32.14 -1.55 15.59
N ALA D 93 -32.77 -2.38 16.41
CA ALA D 93 -32.34 -2.58 17.78
C ALA D 93 -32.63 -4.02 18.20
N VAL D 94 -31.77 -4.57 19.06
CA VAL D 94 -31.94 -5.92 19.59
C VAL D 94 -31.99 -5.86 21.11
N ASP D 95 -33.00 -6.53 21.70
CA ASP D 95 -33.12 -6.63 23.16
C ASP D 95 -31.85 -7.21 23.76
N LEU D 96 -31.49 -6.70 24.95
CA LEU D 96 -30.27 -7.13 25.61
C LEU D 96 -30.25 -8.63 25.89
N SER D 97 -31.41 -9.22 26.18
CA SER D 97 -31.45 -10.66 26.43
C SER D 97 -30.98 -11.47 25.22
N PHE D 98 -30.86 -10.86 24.04
CA PHE D 98 -30.54 -11.61 22.84
C PHE D 98 -29.31 -11.10 22.08
N HIS D 99 -28.58 -10.13 22.63
CA HIS D 99 -27.31 -9.74 22.02
C HIS D 99 -26.40 -10.95 21.87
N GLY D 100 -25.49 -10.88 20.90
CA GLY D 100 -24.55 -11.96 20.66
C GLY D 100 -25.09 -13.14 19.88
N LYS D 101 -26.40 -13.36 19.87
CA LYS D 101 -27.00 -14.45 19.11
C LYS D 101 -27.05 -14.17 17.61
N GLY D 102 -26.51 -13.05 17.15
CA GLY D 102 -26.49 -12.71 15.74
C GLY D 102 -27.78 -12.19 15.21
N LEU D 103 -28.67 -11.69 16.07
CA LEU D 103 -30.01 -11.30 15.64
C LEU D 103 -30.00 -9.99 14.87
N GLY D 104 -29.10 -9.06 15.22
CA GLY D 104 -29.05 -7.81 14.48
C GLY D 104 -28.75 -8.01 13.01
N ALA D 105 -27.79 -8.87 12.69
CA ALA D 105 -27.44 -9.15 11.30
C ALA D 105 -28.59 -9.85 10.58
N ASP D 106 -29.28 -10.77 11.27
CA ASP D 106 -30.44 -11.41 10.65
C ASP D 106 -31.52 -10.39 10.34
N LEU D 107 -31.80 -9.48 11.28
CA LEU D 107 -32.77 -8.41 11.04
C LEU D 107 -32.35 -7.56 9.84
N LEU D 108 -31.10 -7.13 9.82
CA LEU D 108 -30.64 -6.32 8.70
C LEU D 108 -30.85 -7.06 7.40
N HIS D 109 -30.68 -8.38 7.42
CA HIS D 109 -30.85 -9.16 6.20
C HIS D 109 -32.31 -9.15 5.77
N ASP D 110 -33.22 -9.40 6.71
CA ASP D 110 -34.64 -9.31 6.37
C ASP D 110 -35.00 -7.95 5.81
N ALA D 111 -34.48 -6.89 6.43
CA ALA D 111 -34.78 -5.53 5.99
C ALA D 111 -34.31 -5.30 4.56
N VAL D 112 -33.07 -5.72 4.25
CA VAL D 112 -32.55 -5.53 2.91
C VAL D 112 -33.38 -6.33 1.89
N LEU D 113 -33.76 -7.55 2.24
CA LEU D 113 -34.60 -8.33 1.33
C LEU D 113 -35.91 -7.63 1.05
N ARG D 114 -36.56 -7.13 2.11
CA ARG D 114 -37.82 -6.42 1.94
C ARG D 114 -37.63 -5.19 1.06
N CYS D 115 -36.52 -4.49 1.22
CA CYS D 115 -36.28 -3.33 0.38
C CYS D 115 -36.08 -3.73 -1.07
N TYR D 116 -35.43 -4.87 -1.32
CA TYR D 116 -35.30 -5.37 -2.69
C TYR D 116 -36.67 -5.63 -3.29
N ARG D 117 -37.50 -6.38 -2.56
CA ARG D 117 -38.83 -6.69 -3.07
C ARG D 117 -39.59 -5.41 -3.36
N VAL D 118 -39.41 -4.39 -2.51
CA VAL D 118 -40.10 -3.12 -2.72
C VAL D 118 -39.56 -2.39 -3.94
N ALA D 119 -38.24 -2.40 -4.11
CA ALA D 119 -37.64 -1.73 -5.26
C ALA D 119 -38.12 -2.36 -6.56
N GLU D 120 -38.63 -3.59 -6.49
CA GLU D 120 -39.28 -4.18 -7.65
C GLU D 120 -40.46 -3.35 -8.15
N ASN D 121 -41.19 -2.69 -7.24
CA ASN D 121 -42.40 -1.94 -7.58
C ASN D 121 -42.21 -0.43 -7.70
N ILE D 122 -41.16 0.14 -7.11
CA ILE D 122 -41.01 1.59 -7.04
C ILE D 122 -39.52 1.94 -7.01
N GLY D 123 -39.18 3.04 -7.65
CA GLY D 123 -37.80 3.43 -7.79
C GLY D 123 -37.12 3.64 -6.45
N VAL D 124 -36.01 2.94 -6.24
CA VAL D 124 -35.20 3.04 -5.04
C VAL D 124 -33.74 2.88 -5.42
N ARG D 125 -32.94 3.91 -5.18
CA ARG D 125 -31.51 3.85 -5.51
C ARG D 125 -30.71 3.12 -4.45
N ALA D 126 -30.98 3.38 -3.17
CA ALA D 126 -30.17 2.82 -2.10
C ALA D 126 -31.01 2.75 -0.85
N ILE D 127 -30.54 1.93 0.09
CA ILE D 127 -30.98 1.99 1.47
C ILE D 127 -30.10 3.00 2.17
N MET D 128 -30.70 3.78 3.05
CA MET D 128 -29.96 4.78 3.81
C MET D 128 -30.26 4.56 5.29
N VAL D 129 -29.22 4.64 6.12
CA VAL D 129 -29.37 4.48 7.56
C VAL D 129 -28.55 5.55 8.26
N HIS D 130 -29.05 6.00 9.42
CA HIS D 130 -28.32 6.92 10.30
C HIS D 130 -27.76 6.14 11.47
N ALA D 131 -26.45 5.92 11.47
CA ALA D 131 -25.82 5.17 12.55
C ALA D 131 -25.88 5.96 13.85
N LEU D 132 -26.33 5.31 14.92
CA LEU D 132 -26.49 5.96 16.22
C LEU D 132 -25.21 5.95 17.03
N THR D 133 -24.36 4.96 16.81
CA THR D 133 -23.09 4.83 17.49
C THR D 133 -22.01 4.70 16.43
N GLU D 134 -20.74 4.68 16.86
CA GLU D 134 -19.69 4.36 15.91
C GLU D 134 -19.61 2.85 15.72
N GLU D 135 -19.84 2.10 16.80
CA GLU D 135 -19.99 0.65 16.67
C GLU D 135 -21.05 0.29 15.64
N ALA D 136 -22.19 0.98 15.68
CA ALA D 136 -23.25 0.72 14.69
C ALA D 136 -22.74 0.99 13.29
N LYS D 137 -22.01 2.10 13.10
CA LYS D 137 -21.42 2.41 11.81
C LYS D 137 -20.53 1.27 11.35
N ASN D 138 -19.73 0.71 12.24
CA ASN D 138 -18.88 -0.41 11.85
C ASN D 138 -19.72 -1.61 11.46
N PHE D 139 -20.83 -1.84 12.17
CA PHE D 139 -21.72 -2.94 11.82
C PHE D 139 -22.23 -2.81 10.39
N PHE D 140 -22.73 -1.63 10.07
CA PHE D 140 -23.28 -1.39 8.73
C PHE D 140 -22.18 -1.43 7.68
N ILE D 141 -20.99 -0.91 7.99
CA ILE D 141 -19.89 -0.97 7.04
C ILE D 141 -19.49 -2.42 6.80
N HIS D 142 -19.55 -3.23 7.85
CA HIS D 142 -19.23 -4.65 7.72
C HIS D 142 -20.24 -5.37 6.85
N HIS D 143 -21.51 -4.96 6.86
CA HIS D 143 -22.50 -5.64 6.03
C HIS D 143 -22.71 -4.97 4.69
N GLY D 144 -21.77 -4.16 4.23
CA GLY D 144 -21.81 -3.64 2.87
C GLY D 144 -22.09 -2.16 2.73
N PHE D 145 -22.56 -1.49 3.78
CA PHE D 145 -22.87 -0.07 3.66
C PHE D 145 -21.60 0.76 3.52
N LYS D 146 -21.74 1.93 2.90
CA LYS D 146 -20.61 2.82 2.64
C LYS D 146 -21.00 4.23 3.04
N SER D 147 -20.18 4.84 3.91
CA SER D 147 -20.47 6.17 4.43
C SER D 147 -20.44 7.20 3.32
N SER D 148 -21.25 8.25 3.49
CA SER D 148 -21.18 9.41 2.60
C SER D 148 -19.87 10.15 2.82
N GLN D 149 -19.61 11.11 1.94
CA GLN D 149 -18.41 11.93 2.08
C GLN D 149 -18.63 13.06 3.09
N THR D 150 -19.84 13.57 3.19
CA THR D 150 -20.14 14.66 4.12
C THR D 150 -20.35 14.14 5.54
N GLN D 151 -21.41 13.35 5.75
CA GLN D 151 -21.71 12.77 7.05
C GLN D 151 -21.23 11.33 7.11
N GLN D 152 -20.27 11.03 7.98
CA GLN D 152 -19.81 9.65 8.04
C GLN D 152 -20.75 8.77 8.85
N ARG D 153 -21.72 9.35 9.56
CA ARG D 153 -22.70 8.55 10.27
C ARG D 153 -23.97 8.32 9.46
N THR D 154 -23.99 8.79 8.21
CA THR D 154 -25.05 8.49 7.25
C THR D 154 -24.47 7.52 6.24
N LEU D 155 -25.09 6.36 6.11
CA LEU D 155 -24.55 5.31 5.26
C LEU D 155 -25.59 4.83 4.26
N PHE D 156 -25.12 4.38 3.11
CA PHE D 156 -25.96 3.96 2.01
C PHE D 156 -25.62 2.55 1.59
N LEU D 157 -26.57 1.89 0.94
CA LEU D 157 -26.35 0.59 0.34
C LEU D 157 -27.12 0.55 -0.97
N ARG D 158 -26.42 0.46 -2.09
CA ARG D 158 -27.11 0.54 -3.37
C ARG D 158 -27.80 -0.80 -3.67
N LEU D 159 -28.90 -0.71 -4.41
CA LEU D 159 -29.57 -1.99 -4.61
C LEU D 159 -29.20 -2.58 -5.98
N PRO D 160 -29.27 -3.90 -6.16
CA PRO D 160 -28.75 -4.52 -7.40
C PRO D 160 -29.54 -4.11 -8.65
N ARG E 3 -58.87 -0.18 -26.18
CA ARG E 3 -58.55 -1.28 -25.27
C ARG E 3 -57.05 -1.60 -25.27
N VAL E 4 -56.53 -2.00 -24.11
CA VAL E 4 -55.09 -2.16 -23.95
C VAL E 4 -54.81 -3.31 -22.99
N THR E 5 -53.52 -3.62 -22.79
CA THR E 5 -53.11 -4.67 -21.89
C THR E 5 -53.16 -4.19 -20.44
N ALA E 6 -52.86 -5.09 -19.50
CA ALA E 6 -52.75 -4.67 -18.11
C ALA E 6 -51.34 -4.18 -17.82
N PRO E 7 -51.18 -3.33 -16.81
CA PRO E 7 -49.90 -2.64 -16.63
C PRO E 7 -48.76 -3.63 -16.45
N GLU E 8 -47.58 -3.25 -16.95
CA GLU E 8 -46.41 -4.11 -16.97
C GLU E 8 -45.16 -3.24 -16.93
N PRO E 9 -44.04 -3.76 -16.41
CA PRO E 9 -42.83 -2.96 -16.32
C PRO E 9 -42.27 -2.60 -17.69
N LEU E 10 -41.78 -1.39 -17.82
CA LEU E 10 -41.09 -0.97 -19.03
C LEU E 10 -39.88 -1.87 -19.29
N SER E 11 -39.62 -2.15 -20.56
CA SER E 11 -38.47 -2.96 -20.94
C SER E 11 -37.91 -2.45 -22.26
N ALA E 12 -36.78 -3.04 -22.68
CA ALA E 12 -36.20 -2.64 -23.96
C ALA E 12 -37.08 -2.99 -25.15
N PHE E 13 -38.16 -3.74 -24.94
CA PHE E 13 -39.02 -4.20 -26.02
C PHE E 13 -40.18 -3.27 -26.32
N HIS E 14 -40.50 -2.32 -25.43
CA HIS E 14 -41.65 -1.46 -25.66
C HIS E 14 -41.28 -0.36 -26.63
N GLN E 15 -42.13 -0.15 -27.62
CA GLN E 15 -41.94 0.88 -28.63
C GLN E 15 -42.57 2.17 -28.13
N VAL E 16 -41.73 3.14 -27.75
CA VAL E 16 -42.21 4.42 -27.22
C VAL E 16 -41.98 5.58 -28.17
N ALA E 17 -41.35 5.36 -29.32
CA ALA E 17 -41.03 6.48 -30.20
C ALA E 17 -42.30 7.15 -30.74
N GLU E 18 -43.40 6.42 -30.84
CA GLU E 18 -44.64 6.94 -31.42
C GLU E 18 -45.59 7.50 -30.38
N PHE E 19 -45.11 7.74 -29.16
CA PHE E 19 -45.93 8.18 -28.05
C PHE E 19 -46.11 9.71 -28.06
N VAL E 20 -47.36 10.16 -27.97
CA VAL E 20 -47.68 11.58 -27.85
C VAL E 20 -48.85 11.73 -26.88
N SER E 21 -48.68 12.56 -25.86
CA SER E 21 -49.70 12.77 -24.85
C SER E 21 -50.22 14.19 -24.80
N GLY E 22 -49.65 15.12 -25.58
CA GLY E 22 -49.96 16.51 -25.50
C GLY E 22 -49.03 17.32 -24.62
N GLU E 23 -48.42 16.69 -23.61
CA GLU E 23 -47.39 17.32 -22.79
C GLU E 23 -46.04 16.77 -23.24
N ALA E 24 -45.24 17.64 -23.86
CA ALA E 24 -43.98 17.18 -24.46
C ALA E 24 -42.98 16.77 -23.39
N VAL E 25 -42.99 17.43 -22.23
CA VAL E 25 -42.04 17.08 -21.18
C VAL E 25 -42.21 15.62 -20.76
N LEU E 26 -43.45 15.18 -20.54
CA LEU E 26 -43.68 13.80 -20.16
C LEU E 26 -43.25 12.82 -21.24
N ASP E 27 -43.58 13.12 -22.49
CA ASP E 27 -43.25 12.22 -23.59
C ASP E 27 -41.74 12.10 -23.78
N ASP E 28 -41.04 13.24 -23.77
CA ASP E 28 -39.58 13.17 -23.91
C ASP E 28 -38.95 12.47 -22.72
N TRP E 29 -39.51 12.64 -21.51
CA TRP E 29 -39.01 11.86 -20.38
C TRP E 29 -39.15 10.38 -20.64
N LEU E 30 -40.35 9.94 -21.01
CA LEU E 30 -40.50 8.53 -21.36
C LEU E 30 -39.38 8.10 -22.30
N LYS E 31 -39.31 8.73 -23.47
CA LYS E 31 -38.41 8.28 -24.54
C LYS E 31 -36.93 8.38 -24.17
N GLN E 32 -36.53 9.38 -23.36
CA GLN E 32 -35.11 9.59 -23.07
C GLN E 32 -34.65 8.89 -21.80
N LYS E 33 -35.48 8.88 -20.74
CA LYS E 33 -35.04 8.47 -19.43
C LYS E 33 -35.82 7.31 -18.84
N GLY E 34 -36.94 6.88 -19.44
CA GLY E 34 -37.72 5.85 -18.80
C GLY E 34 -36.94 4.60 -18.48
N LEU E 35 -36.34 4.00 -19.51
CA LEU E 35 -35.66 2.72 -19.32
C LEU E 35 -34.35 2.90 -18.55
N LYS E 36 -33.57 3.94 -18.87
CA LYS E 36 -32.35 4.14 -18.11
C LYS E 36 -32.66 4.28 -16.61
N ASN E 37 -33.68 5.06 -16.25
CA ASN E 37 -34.06 5.20 -14.85
C ASN E 37 -34.60 3.89 -14.28
N GLN E 38 -35.28 3.09 -15.12
CA GLN E 38 -35.68 1.76 -14.67
C GLN E 38 -34.48 0.97 -14.19
N ALA E 39 -33.37 1.06 -14.94
CA ALA E 39 -32.17 0.34 -14.56
C ALA E 39 -31.49 0.97 -13.36
N LEU E 40 -31.44 2.30 -13.28
CA LEU E 40 -30.67 2.97 -12.24
C LEU E 40 -31.32 2.95 -10.88
N GLY E 41 -32.57 2.53 -10.78
CA GLY E 41 -33.31 2.67 -9.55
C GLY E 41 -33.76 4.09 -9.28
N ALA E 42 -33.88 4.92 -10.31
CA ALA E 42 -34.45 6.24 -10.15
C ALA E 42 -35.97 6.22 -10.23
N ALA E 43 -36.53 5.24 -10.91
CA ALA E 43 -37.99 5.15 -10.97
C ALA E 43 -38.37 3.74 -11.36
N ARG E 44 -39.60 3.38 -11.00
CA ARG E 44 -40.24 2.17 -11.45
C ARG E 44 -41.38 2.59 -12.37
N THR E 45 -41.29 2.23 -13.65
CA THR E 45 -42.27 2.61 -14.66
C THR E 45 -43.12 1.41 -15.04
N PHE E 46 -44.40 1.67 -15.32
CA PHE E 46 -45.37 0.66 -15.75
C PHE E 46 -46.13 1.20 -16.96
N VAL E 47 -46.28 0.36 -18.00
CA VAL E 47 -46.93 0.77 -19.24
C VAL E 47 -48.09 -0.17 -19.54
N VAL E 48 -49.11 0.38 -20.21
CA VAL E 48 -50.16 -0.42 -20.84
C VAL E 48 -50.03 -0.27 -22.35
N CYS E 49 -50.18 -1.39 -23.06
CA CYS E 49 -49.92 -1.45 -24.49
C CYS E 49 -51.20 -1.68 -25.31
N LYS E 50 -51.07 -1.37 -26.60
CA LYS E 50 -52.10 -1.48 -27.63
C LYS E 50 -52.47 -2.90 -28.06
N LYS E 51 -53.13 -3.66 -27.19
CA LYS E 51 -53.73 -4.95 -27.56
C LYS E 51 -52.83 -5.87 -28.39
N ASP E 52 -51.84 -6.50 -27.76
CA ASP E 52 -50.91 -7.44 -28.40
C ASP E 52 -49.79 -6.75 -29.16
N THR E 53 -49.49 -5.50 -28.84
CA THR E 53 -48.33 -4.85 -29.41
C THR E 53 -47.37 -4.50 -28.28
N LYS E 54 -46.20 -4.00 -28.66
CA LYS E 54 -45.29 -3.41 -27.70
C LYS E 54 -45.30 -1.89 -27.77
N GLN E 55 -46.33 -1.33 -28.42
CA GLN E 55 -46.51 0.12 -28.49
C GLN E 55 -47.23 0.57 -27.22
N VAL E 56 -46.61 1.47 -26.48
CA VAL E 56 -47.14 1.92 -25.19
C VAL E 56 -48.29 2.90 -25.42
N ALA E 57 -49.40 2.67 -24.73
CA ALA E 57 -50.53 3.58 -24.75
C ALA E 57 -50.60 4.47 -23.53
N GLY E 58 -50.01 4.05 -22.41
CA GLY E 58 -49.94 4.88 -21.22
C GLY E 58 -48.97 4.29 -20.24
N PHE E 59 -48.54 5.13 -19.31
CA PHE E 59 -47.57 4.70 -18.30
C PHE E 59 -47.69 5.62 -17.09
N TYR E 60 -47.23 5.10 -15.95
CA TYR E 60 -47.02 5.91 -14.77
C TYR E 60 -45.71 5.47 -14.14
N SER E 61 -45.05 6.37 -13.43
CA SER E 61 -43.77 6.08 -12.83
C SER E 61 -43.79 6.42 -11.35
N LEU E 62 -43.27 5.51 -10.54
CA LEU E 62 -43.24 5.67 -9.10
C LEU E 62 -41.80 5.76 -8.60
N ALA E 63 -41.61 6.53 -7.53
CA ALA E 63 -40.32 6.63 -6.86
C ALA E 63 -40.54 7.11 -5.44
N THR E 64 -39.78 6.57 -4.50
CA THR E 64 -39.91 6.99 -3.12
C THR E 64 -39.48 8.45 -2.95
N GLY E 65 -39.94 9.05 -1.85
CA GLY E 65 -39.61 10.45 -1.61
C GLY E 65 -40.00 10.87 -0.21
N SER E 66 -39.72 12.13 0.09
CA SER E 66 -40.15 12.73 1.34
C SER E 66 -40.48 14.19 1.09
N VAL E 67 -41.45 14.71 1.83
CA VAL E 67 -41.86 16.10 1.73
C VAL E 67 -41.77 16.74 3.11
N ASN E 68 -41.28 17.99 3.16
CA ASN E 68 -41.17 18.68 4.43
C ASN E 68 -42.54 19.16 4.92
N HIS E 69 -42.64 19.37 6.25
CA HIS E 69 -43.89 19.81 6.87
C HIS E 69 -44.35 21.15 6.30
N THR E 70 -43.43 21.99 5.84
CA THR E 70 -43.82 23.30 5.37
C THR E 70 -44.70 23.21 4.13
N GLU E 71 -44.40 22.26 3.24
CA GLU E 71 -45.21 21.99 2.05
C GLU E 71 -46.27 20.93 2.28
N ALA E 72 -46.51 20.53 3.52
CA ALA E 72 -47.51 19.52 3.79
C ALA E 72 -48.77 20.16 4.37
N THR E 73 -49.92 19.62 3.99
CA THR E 73 -51.17 20.07 4.58
C THR E 73 -51.27 19.53 6.01
N GLY E 74 -51.88 20.32 6.89
CA GLY E 74 -52.00 19.92 8.29
C GLY E 74 -52.57 18.52 8.44
N ASN E 75 -53.46 18.12 7.53
CA ASN E 75 -53.91 16.74 7.51
C ASN E 75 -52.73 15.79 7.28
N LEU E 76 -51.81 16.18 6.40
CA LEU E 76 -50.69 15.30 6.06
C LEU E 76 -49.68 15.20 7.20
N ARG E 77 -49.43 16.30 7.90
CA ARG E 77 -48.36 16.32 8.89
C ARG E 77 -48.82 15.95 10.29
N ARG E 78 -50.10 15.67 10.49
CA ARG E 78 -50.58 15.39 11.84
C ARG E 78 -49.78 14.27 12.47
N ASN E 79 -49.08 14.58 13.56
CA ASN E 79 -48.35 13.58 14.34
C ASN E 79 -47.38 12.80 13.47
N MET E 80 -46.65 13.51 12.63
CA MET E 80 -45.75 12.90 11.70
C MET E 80 -44.33 13.41 11.92
N PRO E 81 -43.32 12.60 11.65
CA PRO E 81 -41.96 13.11 11.67
C PRO E 81 -41.79 14.14 10.56
N ASP E 82 -40.62 14.78 10.57
CA ASP E 82 -40.25 15.69 9.51
C ASP E 82 -38.87 15.24 9.02
N PRO E 83 -38.70 14.93 7.72
CA PRO E 83 -39.78 15.05 6.72
C PRO E 83 -40.80 13.94 6.79
N ILE E 84 -41.81 14.00 5.92
CA ILE E 84 -42.87 13.00 5.84
C ILE E 84 -42.52 12.03 4.73
N PRO E 85 -42.63 10.71 4.96
CA PRO E 85 -42.36 9.75 3.88
C PRO E 85 -43.57 9.62 2.97
N VAL E 86 -43.30 9.62 1.66
CA VAL E 86 -44.35 9.58 0.65
C VAL E 86 -43.85 8.71 -0.50
N ILE E 87 -44.77 8.36 -1.41
CA ILE E 87 -44.42 7.80 -2.71
C ILE E 87 -44.79 8.85 -3.74
N ILE E 88 -43.86 9.13 -4.64
CA ILE E 88 -44.03 10.17 -5.64
C ILE E 88 -44.56 9.53 -6.90
N LEU E 89 -45.77 9.90 -7.30
CA LEU E 89 -46.26 9.60 -8.63
C LEU E 89 -45.56 10.55 -9.58
N ALA E 90 -44.40 10.14 -10.09
CA ALA E 90 -43.58 11.07 -10.85
C ALA E 90 -44.16 11.34 -12.22
N ARG E 91 -44.79 10.34 -12.83
CA ARG E 91 -45.19 10.45 -14.22
C ARG E 91 -46.51 9.70 -14.43
N LEU E 92 -47.41 10.31 -15.20
CA LEU E 92 -48.66 9.67 -15.61
C LEU E 92 -49.14 10.35 -16.88
N ALA E 93 -49.18 9.60 -17.99
CA ALA E 93 -49.50 10.16 -19.30
C ALA E 93 -50.20 9.13 -20.17
N VAL E 94 -51.14 9.60 -20.99
CA VAL E 94 -51.89 8.78 -21.93
C VAL E 94 -51.66 9.30 -23.35
N ASP E 95 -51.35 8.39 -24.28
CA ASP E 95 -51.29 8.79 -25.68
C ASP E 95 -52.65 9.37 -26.06
N LEU E 96 -52.63 10.44 -26.86
CA LEU E 96 -53.86 11.12 -27.22
C LEU E 96 -54.83 10.19 -27.94
N SER E 97 -54.32 9.17 -28.64
CA SER E 97 -55.15 8.20 -29.34
C SER E 97 -56.13 7.47 -28.43
N PHE E 98 -55.95 7.54 -27.10
CA PHE E 98 -56.77 6.78 -26.17
C PHE E 98 -57.43 7.67 -25.12
N HIS E 99 -57.31 9.00 -25.26
CA HIS E 99 -58.03 9.91 -24.38
C HIS E 99 -59.52 9.62 -24.41
N GLY E 100 -60.19 10.00 -23.33
CA GLY E 100 -61.62 9.81 -23.21
C GLY E 100 -62.04 8.40 -22.90
N LYS E 101 -61.21 7.41 -23.19
CA LYS E 101 -61.58 6.03 -22.88
C LYS E 101 -61.44 5.72 -21.40
N GLY E 102 -61.01 6.68 -20.60
CA GLY E 102 -60.85 6.45 -19.17
C GLY E 102 -59.54 5.78 -18.78
N LEU E 103 -58.51 5.93 -19.61
CA LEU E 103 -57.26 5.21 -19.35
C LEU E 103 -56.49 5.82 -18.19
N GLY E 104 -56.52 7.16 -18.05
CA GLY E 104 -55.83 7.80 -16.95
C GLY E 104 -56.32 7.31 -15.60
N ALA E 105 -57.64 7.16 -15.45
CA ALA E 105 -58.15 6.69 -14.18
C ALA E 105 -57.65 5.28 -13.88
N ASP E 106 -57.60 4.42 -14.90
CA ASP E 106 -57.12 3.05 -14.69
C ASP E 106 -55.65 3.03 -14.29
N LEU E 107 -54.84 3.85 -14.96
CA LEU E 107 -53.43 3.95 -14.59
C LEU E 107 -53.29 4.40 -13.14
N LEU E 108 -53.98 5.48 -12.78
CA LEU E 108 -53.89 5.95 -11.40
C LEU E 108 -54.34 4.88 -10.41
N HIS E 109 -55.34 4.09 -10.79
CA HIS E 109 -55.83 3.07 -9.88
C HIS E 109 -54.79 1.98 -9.68
N ASP E 110 -54.19 1.49 -10.77
CA ASP E 110 -53.11 0.51 -10.65
C ASP E 110 -51.96 1.08 -9.80
N ALA E 111 -51.63 2.35 -10.02
CA ALA E 111 -50.59 2.99 -9.23
C ALA E 111 -50.94 3.00 -7.76
N VAL E 112 -52.17 3.39 -7.44
CA VAL E 112 -52.60 3.45 -6.03
C VAL E 112 -52.56 2.06 -5.41
N LEU E 113 -52.99 1.04 -6.14
CA LEU E 113 -52.91 -0.31 -5.60
C LEU E 113 -51.47 -0.68 -5.30
N ARG E 114 -50.57 -0.42 -6.25
CA ARG E 114 -49.17 -0.76 -6.01
C ARG E 114 -48.64 -0.02 -4.79
N CYS E 115 -49.08 1.22 -4.60
CA CYS E 115 -48.65 1.97 -3.43
C CYS E 115 -49.23 1.40 -2.15
N TYR E 116 -50.45 0.87 -2.16
CA TYR E 116 -50.95 0.16 -0.98
C TYR E 116 -50.07 -1.02 -0.66
N ARG E 117 -49.79 -1.84 -1.68
CA ARG E 117 -48.96 -3.01 -1.48
C ARG E 117 -47.58 -2.64 -0.97
N VAL E 118 -47.04 -1.51 -1.43
CA VAL E 118 -45.74 -1.06 -0.92
C VAL E 118 -45.86 -0.57 0.51
N ALA E 119 -46.91 0.21 0.80
CA ALA E 119 -47.12 0.76 2.13
C ALA E 119 -47.34 -0.33 3.16
N GLU E 120 -47.71 -1.53 2.71
CA GLU E 120 -47.68 -2.67 3.62
C GLU E 120 -46.27 -2.95 4.12
N ASN E 121 -45.24 -2.72 3.30
CA ASN E 121 -43.88 -3.10 3.65
C ASN E 121 -43.05 -1.95 4.20
N ILE E 122 -43.43 -0.71 3.94
CA ILE E 122 -42.59 0.41 4.32
C ILE E 122 -43.48 1.61 4.61
N GLY E 123 -43.05 2.45 5.54
CA GLY E 123 -43.87 3.59 5.93
C GLY E 123 -44.16 4.52 4.77
N VAL E 124 -45.44 4.78 4.50
CA VAL E 124 -45.88 5.67 3.44
C VAL E 124 -47.11 6.42 3.94
N ARG E 125 -46.98 7.74 4.11
CA ARG E 125 -48.11 8.53 4.57
C ARG E 125 -49.07 8.84 3.43
N ALA E 126 -48.54 9.25 2.29
CA ALA E 126 -49.40 9.68 1.20
C ALA E 126 -48.66 9.49 -0.13
N ILE E 127 -49.43 9.47 -1.18
CA ILE E 127 -48.93 9.62 -2.54
C ILE E 127 -48.88 11.10 -2.83
N MET E 128 -47.82 11.55 -3.48
CA MET E 128 -47.65 12.95 -3.85
C MET E 128 -47.36 13.06 -5.32
N VAL E 129 -48.01 14.02 -5.99
CA VAL E 129 -47.79 14.28 -7.40
C VAL E 129 -47.62 15.79 -7.60
N HIS E 130 -46.83 16.15 -8.61
CA HIS E 130 -46.66 17.52 -9.06
C HIS E 130 -47.42 17.68 -10.38
N ALA E 131 -48.57 18.33 -10.32
CA ALA E 131 -49.39 18.51 -11.52
C ALA E 131 -48.75 19.52 -12.47
N LEU E 132 -48.69 19.17 -13.75
CA LEU E 132 -48.08 20.02 -14.76
C LEU E 132 -49.04 21.03 -15.37
N THR E 133 -50.32 20.72 -15.44
CA THR E 133 -51.31 21.62 -16.02
C THR E 133 -52.45 21.81 -15.04
N GLU E 134 -53.39 22.68 -15.38
CA GLU E 134 -54.60 22.77 -14.58
C GLU E 134 -55.53 21.61 -14.87
N GLU E 135 -55.59 21.16 -16.12
CA GLU E 135 -56.31 19.94 -16.42
C GLU E 135 -55.82 18.80 -15.55
N ALA E 136 -54.50 18.65 -15.44
CA ALA E 136 -53.93 17.59 -14.62
C ALA E 136 -54.25 17.80 -13.15
N LYS E 137 -54.11 19.03 -12.66
CA LYS E 137 -54.42 19.30 -11.26
C LYS E 137 -55.85 18.90 -10.95
N ASN E 138 -56.79 19.32 -11.80
CA ASN E 138 -58.19 18.99 -11.58
C ASN E 138 -58.42 17.49 -11.68
N PHE E 139 -57.69 16.82 -12.58
CA PHE E 139 -57.80 15.37 -12.69
C PHE E 139 -57.45 14.70 -11.36
N PHE E 140 -56.31 15.07 -10.80
CA PHE E 140 -55.90 14.47 -9.53
C PHE E 140 -56.86 14.85 -8.41
N ILE E 141 -57.40 16.06 -8.46
CA ILE E 141 -58.37 16.48 -7.45
C ILE E 141 -59.65 15.66 -7.56
N HIS E 142 -60.03 15.30 -8.79
CA HIS E 142 -61.22 14.50 -9.01
C HIS E 142 -61.07 13.08 -8.47
N HIS E 143 -59.85 12.56 -8.43
CA HIS E 143 -59.59 11.24 -7.90
C HIS E 143 -59.13 11.27 -6.44
N GLY E 144 -59.40 12.38 -5.73
CA GLY E 144 -59.22 12.42 -4.30
C GLY E 144 -58.05 13.23 -3.81
N PHE E 145 -57.14 13.62 -4.69
CA PHE E 145 -55.93 14.34 -4.27
C PHE E 145 -56.28 15.71 -3.73
N LYS E 146 -55.38 16.23 -2.90
CA LYS E 146 -55.56 17.50 -2.21
C LYS E 146 -54.32 18.35 -2.40
N SER E 147 -54.49 19.54 -2.96
CA SER E 147 -53.36 20.41 -3.23
C SER E 147 -52.73 20.87 -1.92
N SER E 148 -51.45 21.22 -1.99
CA SER E 148 -50.70 21.79 -0.89
C SER E 148 -51.22 23.19 -0.57
N GLN E 149 -50.83 23.71 0.60
CA GLN E 149 -51.13 25.09 0.91
C GLN E 149 -50.07 26.03 0.36
N THR E 150 -48.80 25.60 0.39
CA THR E 150 -47.69 26.40 -0.11
C THR E 150 -47.55 26.29 -1.63
N GLN E 151 -47.27 25.09 -2.12
CA GLN E 151 -47.17 24.84 -3.55
C GLN E 151 -48.52 24.38 -4.05
N GLN E 152 -49.15 25.18 -4.93
CA GLN E 152 -50.51 24.85 -5.37
C GLN E 152 -50.55 23.80 -6.47
N ARG E 153 -49.41 23.52 -7.11
CA ARG E 153 -49.31 22.48 -8.14
C ARG E 153 -48.83 21.15 -7.58
N THR E 154 -48.65 21.04 -6.26
CA THR E 154 -48.28 19.80 -5.58
C THR E 154 -49.48 19.30 -4.80
N LEU E 155 -49.89 18.05 -5.05
CA LEU E 155 -51.08 17.48 -4.42
C LEU E 155 -50.75 16.17 -3.69
N PHE E 156 -51.53 15.85 -2.67
CA PHE E 156 -51.29 14.67 -1.85
C PHE E 156 -52.52 13.77 -1.85
N LEU E 157 -52.30 12.48 -1.58
CA LEU E 157 -53.39 11.51 -1.42
C LEU E 157 -53.03 10.57 -0.29
N ARG E 158 -53.78 10.63 0.81
CA ARG E 158 -53.40 9.82 1.96
C ARG E 158 -53.84 8.36 1.80
N LEU E 159 -53.01 7.47 2.33
CA LEU E 159 -53.20 6.03 2.21
C LEU E 159 -53.74 5.44 3.49
N PRO E 160 -54.89 4.75 3.48
CA PRO E 160 -55.48 4.24 4.72
C PRO E 160 -54.61 3.15 5.37
CA CA I . 32.41 -23.32 25.18
CA CA J . 51.48 20.75 -17.92
CA CA K . 16.75 10.40 -11.78
CA CA L . 2.31 7.67 -1.70
CA CA M . 11.20 18.84 -9.56
CA CA N . -3.88 37.18 -7.00
CA CA O . -6.75 21.54 0.10
CA CA P . 5.02 22.80 0.08
CA CA Q . 5.01 23.17 12.50
CA CA R . -9.43 17.18 -2.47
CA CA S . -5.81 14.28 16.24
CA CA T . -15.83 7.61 36.51
CA CA U . 9.19 20.36 7.37
CA CA V . 7.36 8.87 6.46
CA CA W . 9.94 13.78 5.48
CA CA X . -35.70 -8.65 28.50
CA CA Y . -50.34 8.35 -31.46
CA CA Z . -1.96 -1.61 -11.43
CA CA AA . -7.91 -8.83 -8.63
CA CA BA . 9.58 -4.83 -19.44
CA CA CA . -1.94 -11.37 -28.17
CA CA DA . 7.35 -9.99 -21.46
CA CA EA . -10.68 0.15 -24.97
CA CA FA . -76.04 22.15 11.19
CA CA GA . -89.67 16.46 18.42
CA CA HA . -77.70 11.45 3.47
CA CA IA . -90.81 19.64 -2.07
CA CA JA . -82.09 5.45 12.51
CA CA KA . -76.20 15.38 4.35
CA CA LA . -59.90 15.03 20.09
CA CA MA . -87.79 26.69 -10.05
C1 AAC NA . 34.09 -24.50 -0.84
C2 AAC NA . 34.57 -23.14 -1.29
C3 AAC NA . 36.66 -21.99 -1.91
C4 AAC NA . 38.13 -22.17 -2.18
N1 AAC NA . 36.03 -23.05 -1.36
O2 AAC NA . 34.04 -25.40 -1.71
O3 AAC NA . 36.09 -20.94 -2.16
CA CA OA . 91.44 -34.47 16.13
CA CA PA . 89.81 -27.10 0.54
CA CA QA . 82.15 -16.97 7.76
CA CA RA . 78.77 -11.58 -1.60
CA CA SA . 75.40 -22.78 -8.01
CA CA TA . 82.18 1.55 -18.48
CA CA UA . 60.18 -27.76 2.47
CA CA VA . 70.45 -29.59 7.16
CA CA WA . 76.01 -14.33 -5.95
CA CA XA . 87.97 -7.56 -21.84
#